data_7Y4O
#
_entry.id   7Y4O
#
_cell.length_a   213.147
_cell.length_b   213.147
_cell.length_c   191.416
_cell.angle_alpha   90.000
_cell.angle_beta   90.000
_cell.angle_gamma   90.000
#
_symmetry.space_group_name_H-M   'I 41'
#
loop_
_entity.id
_entity.type
_entity.pdbx_description
1 polymer 'Semaphorin 6D'
2 non-polymer 2-acetamido-2-deoxy-beta-D-glucopyranose
#
_entity_poly.entity_id   1
_entity_poly.type   'polypeptide(L)'
_entity_poly.pdbx_seq_one_letter_code
;SSRSFPEDDEPLNTVDYHYSRQYPVFRGRPSGNESQHRLDFQLMLKIRDTLYIAGRDQVYTVNLNDIPQTEVIPSKKLTW
RSRQQDRENCAMKGKHKDECHNFIKVFVPRNDEMVFVCGTNAFNPMCRYYRLSTLEYDGEEISGLARCPFDARQTNVALF
ADGKLYSATVADFLASDAVIYRSMGDGSALRTIKYDSKWIKEPHFLHAIEYGNYVYFFFREIAVEHNNLGKAVYSRVARI
CKNDMGGSQRVLEKHWTSFLKARLNCSVPGDSFFYFDVLQSITDIIQINGIPTVIGVFTTQLNSIPGSAVCAFGMDDIEK
VFKGRFKEQKTPDSVWTAVPEDKVPKPRPGCCAKHGLAEAYKTSIDFPDDTLSFIKSHPLMDSAVPPIADEPWFTKTRVR
YRLTAIEVDRSAGPYQNYTVIFVGSEAGVVLKVLAKTSPFSLNDSVLLEEIEAYNPAKCSAESEEDRKVVSLQLDRDHHA
LYVAFSSCVVRIPLSRCERYGSCKKSCIASRDPYCGWLSQGVCERVTLGMLAGGYEQDTEYGNTAHLGDCHE
;
_entity_poly.pdbx_strand_id   A,B
#
# COMPACT_ATOMS: atom_id res chain seq x y z
N PHE A 5 0.62 12.22 3.31
CA PHE A 5 -0.14 11.37 2.40
C PHE A 5 -1.59 11.85 2.31
N PRO A 6 -2.08 12.04 1.09
CA PRO A 6 -3.43 12.58 0.91
C PRO A 6 -4.50 11.61 1.40
N GLU A 7 -5.71 12.15 1.56
CA GLU A 7 -6.88 11.39 1.98
C GLU A 7 -7.92 11.42 0.87
N ASP A 8 -8.70 10.35 0.78
CA ASP A 8 -9.76 10.27 -0.21
C ASP A 8 -10.71 11.44 -0.08
N ASP A 9 -10.84 12.23 -1.15
CA ASP A 9 -11.73 13.37 -1.14
C ASP A 9 -13.18 12.90 -1.01
N GLU A 10 -14.01 13.77 -0.45
CA GLU A 10 -15.42 13.42 -0.36
C GLU A 10 -16.17 13.90 -1.59
N PRO A 11 -16.95 13.04 -2.25
CA PRO A 11 -17.64 13.44 -3.48
C PRO A 11 -18.67 14.52 -3.20
N LEU A 12 -18.55 15.66 -3.87
CA LEU A 12 -19.50 16.75 -3.70
C LEU A 12 -20.90 16.34 -4.13
N ASN A 13 -21.01 15.40 -5.05
CA ASN A 13 -22.31 14.88 -5.45
C ASN A 13 -22.17 13.41 -5.84
N THR A 14 -23.23 12.64 -5.58
CA THR A 14 -23.27 11.23 -5.93
C THR A 14 -24.50 10.95 -6.77
N VAL A 15 -24.38 9.95 -7.64
CA VAL A 15 -25.46 9.56 -8.54
C VAL A 15 -25.59 8.05 -8.54
N ASP A 16 -26.54 7.53 -7.75
CA ASP A 16 -26.73 6.09 -7.65
C ASP A 16 -27.38 5.55 -8.92
N TYR A 17 -27.59 4.23 -8.94
CA TYR A 17 -28.22 3.58 -10.08
C TYR A 17 -29.60 4.17 -10.35
N HIS A 18 -30.40 4.33 -9.30
CA HIS A 18 -31.75 4.86 -9.48
C HIS A 18 -31.73 6.27 -10.06
N TYR A 19 -30.70 7.05 -9.75
CA TYR A 19 -30.53 8.36 -10.38
C TYR A 19 -29.95 8.25 -11.78
N SER A 20 -29.43 7.10 -12.16
CA SER A 20 -28.87 6.89 -13.49
C SER A 20 -29.58 5.80 -14.28
N ARG A 21 -30.61 5.16 -13.72
CA ARG A 21 -31.38 4.19 -14.47
C ARG A 21 -32.10 4.82 -15.65
N GLN A 22 -32.21 6.14 -15.68
CA GLN A 22 -32.91 6.86 -16.73
C GLN A 22 -31.98 7.16 -17.89
N TYR A 23 -31.03 6.27 -18.15
CA TYR A 23 -30.03 6.50 -19.18
C TYR A 23 -29.98 5.35 -20.17
N PRO A 24 -29.75 5.64 -21.45
CA PRO A 24 -29.81 4.60 -22.47
C PRO A 24 -28.51 3.81 -22.57
N VAL A 25 -28.66 2.53 -22.93
CA VAL A 25 -27.55 1.60 -23.05
C VAL A 25 -27.59 0.93 -24.41
N PHE A 26 -26.49 0.26 -24.77
CA PHE A 26 -26.32 -0.41 -26.05
C PHE A 26 -26.01 -1.88 -25.82
N ARG A 27 -26.74 -2.76 -26.49
CA ARG A 27 -26.45 -4.19 -26.41
C ARG A 27 -26.41 -4.80 -27.80
N GLY A 28 -27.28 -4.30 -28.67
CA GLY A 28 -27.34 -4.79 -30.05
C GLY A 28 -28.38 -5.87 -30.24
N HIS A 37 -26.64 -13.72 -27.18
CA HIS A 37 -26.03 -12.79 -28.12
C HIS A 37 -25.25 -11.71 -27.36
N ARG A 38 -24.00 -12.02 -27.03
CA ARG A 38 -23.19 -11.13 -26.21
C ARG A 38 -22.52 -10.06 -27.05
N LEU A 39 -22.39 -8.86 -26.47
CA LEU A 39 -21.72 -7.77 -27.17
C LEU A 39 -20.21 -8.00 -27.23
N ASP A 40 -19.61 -8.34 -26.09
CA ASP A 40 -18.16 -8.57 -25.99
C ASP A 40 -17.38 -7.35 -26.47
N PHE A 41 -17.70 -6.19 -25.88
CA PHE A 41 -17.07 -4.94 -26.26
C PHE A 41 -15.55 -5.07 -26.25
N GLN A 42 -14.92 -4.57 -27.30
CA GLN A 42 -13.47 -4.60 -27.42
C GLN A 42 -12.86 -3.22 -27.52
N LEU A 43 -13.45 -2.31 -28.30
CA LEU A 43 -12.93 -0.96 -28.41
C LEU A 43 -14.00 -0.05 -28.97
N MET A 44 -13.70 1.24 -29.03
CA MET A 44 -14.59 2.22 -29.64
C MET A 44 -13.76 3.39 -30.15
N LEU A 45 -14.30 4.09 -31.13
CA LEU A 45 -13.56 5.17 -31.79
C LEU A 45 -14.55 6.16 -32.38
N LYS A 46 -14.33 7.44 -32.11
CA LYS A 46 -15.22 8.51 -32.56
C LYS A 46 -14.56 9.31 -33.67
N ILE A 47 -15.28 9.47 -34.78
CA ILE A 47 -14.84 10.31 -35.89
C ILE A 47 -15.96 11.29 -36.19
N ARG A 48 -15.64 12.59 -36.16
CA ARG A 48 -16.61 13.64 -36.42
C ARG A 48 -17.85 13.48 -35.54
N ASP A 49 -18.96 13.03 -36.13
CA ASP A 49 -20.23 12.87 -35.43
C ASP A 49 -20.69 11.42 -35.46
N THR A 50 -19.77 10.47 -35.39
CA THR A 50 -20.15 9.07 -35.46
C THR A 50 -19.19 8.23 -34.63
N LEU A 51 -19.75 7.34 -33.82
CA LEU A 51 -18.96 6.48 -32.93
C LEU A 51 -19.07 5.03 -33.40
N TYR A 52 -17.93 4.43 -33.72
CA TYR A 52 -17.86 3.02 -34.04
C TYR A 52 -17.50 2.24 -32.78
N ILE A 53 -18.13 1.07 -32.62
CA ILE A 53 -17.99 0.25 -31.43
C ILE A 53 -17.71 -1.17 -31.87
N ALA A 54 -16.52 -1.68 -31.54
CA ALA A 54 -16.07 -2.98 -31.99
C ALA A 54 -16.16 -3.98 -30.85
N GLY A 55 -16.90 -5.07 -31.08
CA GLY A 55 -17.07 -6.16 -30.15
C GLY A 55 -16.82 -7.50 -30.84
N ARG A 56 -17.67 -8.47 -30.52
CA ARG A 56 -17.53 -9.81 -31.06
C ARG A 56 -18.24 -9.93 -32.40
N ASP A 57 -17.50 -10.36 -33.43
CA ASP A 57 -18.05 -10.64 -34.76
C ASP A 57 -18.65 -9.42 -35.45
N GLN A 58 -18.79 -8.30 -34.73
CA GLN A 58 -19.55 -7.17 -35.21
C GLN A 58 -18.79 -5.87 -34.96
N VAL A 59 -19.14 -4.85 -35.75
CA VAL A 59 -18.67 -3.48 -35.53
C VAL A 59 -19.85 -2.56 -35.77
N TYR A 60 -20.41 -1.98 -34.70
CA TYR A 60 -21.60 -1.16 -34.80
C TYR A 60 -21.24 0.30 -35.01
N THR A 61 -22.17 1.03 -35.65
CA THR A 61 -22.04 2.46 -35.89
C THR A 61 -23.17 3.19 -35.18
N VAL A 62 -22.85 4.27 -34.48
CA VAL A 62 -23.85 5.05 -33.76
C VAL A 62 -23.75 6.50 -34.20
N ASN A 63 -24.86 7.04 -34.71
CA ASN A 63 -24.94 8.46 -35.02
C ASN A 63 -25.05 9.25 -33.72
N LEU A 64 -24.04 10.06 -33.44
CA LEU A 64 -24.03 10.82 -32.20
C LEU A 64 -25.04 11.97 -32.20
N ASN A 65 -25.58 12.33 -33.36
CA ASN A 65 -26.64 13.33 -33.38
C ASN A 65 -28.00 12.69 -33.08
N ASP A 66 -28.14 11.39 -33.37
CA ASP A 66 -29.35 10.65 -33.05
C ASP A 66 -29.47 10.52 -31.54
N ILE A 67 -30.36 11.31 -30.95
CA ILE A 67 -30.62 11.21 -29.52
C ILE A 67 -31.60 10.06 -29.30
N PRO A 68 -31.26 9.08 -28.48
CA PRO A 68 -32.10 7.89 -28.36
C PRO A 68 -33.36 8.16 -27.56
N GLN A 69 -34.25 7.16 -27.59
CA GLN A 69 -35.49 7.19 -26.82
C GLN A 69 -35.57 5.99 -25.89
N THR A 70 -35.60 4.78 -26.44
CA THR A 70 -35.62 3.55 -25.65
C THR A 70 -34.23 3.00 -25.40
N GLU A 71 -33.33 3.16 -26.36
CA GLU A 71 -32.05 2.47 -26.39
C GLU A 71 -31.24 2.99 -27.56
N VAL A 72 -29.94 3.20 -27.40
CA VAL A 72 -29.12 3.65 -28.51
C VAL A 72 -29.06 2.53 -29.55
N ILE A 73 -29.60 2.80 -30.72
CA ILE A 73 -29.64 1.79 -31.79
C ILE A 73 -28.51 2.05 -32.77
N PRO A 74 -27.90 1.01 -33.33
CA PRO A 74 -26.79 1.22 -34.27
C PRO A 74 -27.31 1.75 -35.61
N SER A 75 -26.72 2.85 -36.07
CA SER A 75 -27.05 3.37 -37.39
C SER A 75 -26.75 2.34 -38.48
N LYS A 76 -25.52 1.82 -38.48
CA LYS A 76 -25.13 0.74 -39.38
C LYS A 76 -24.57 -0.42 -38.56
N LYS A 77 -24.04 -1.43 -39.24
CA LYS A 77 -23.35 -2.52 -38.57
C LYS A 77 -22.47 -3.24 -39.58
N LEU A 78 -21.39 -3.82 -39.08
CA LEU A 78 -20.41 -4.53 -39.88
C LEU A 78 -20.35 -5.96 -39.39
N THR A 79 -20.63 -6.91 -40.29
CA THR A 79 -20.67 -8.32 -39.98
C THR A 79 -19.44 -8.99 -40.57
N TRP A 80 -18.75 -9.79 -39.75
CA TRP A 80 -17.58 -10.54 -40.20
C TRP A 80 -17.31 -11.62 -39.15
N ARG A 81 -17.82 -12.81 -39.40
CA ARG A 81 -17.65 -13.94 -38.50
C ARG A 81 -16.63 -14.91 -39.06
N SER A 82 -16.05 -15.71 -38.16
CA SER A 82 -15.02 -16.65 -38.57
C SER A 82 -15.64 -17.79 -39.36
N ARG A 83 -15.04 -18.12 -40.50
CA ARG A 83 -15.48 -19.26 -41.27
C ARG A 83 -15.41 -20.53 -40.42
N GLN A 84 -16.32 -21.47 -40.68
CA GLN A 84 -16.46 -22.61 -39.79
C GLN A 84 -15.18 -23.41 -39.68
N GLN A 85 -14.39 -23.50 -40.76
CA GLN A 85 -13.14 -24.23 -40.68
C GLN A 85 -12.18 -23.57 -39.70
N ASP A 86 -12.18 -22.24 -39.64
CA ASP A 86 -11.39 -21.55 -38.63
C ASP A 86 -11.82 -21.95 -37.22
N ARG A 87 -13.12 -22.07 -37.00
CA ARG A 87 -13.62 -22.48 -35.69
C ARG A 87 -13.21 -23.91 -35.37
N GLU A 88 -13.27 -24.80 -36.35
CA GLU A 88 -12.90 -26.20 -36.11
C GLU A 88 -11.40 -26.34 -35.88
N ASN A 89 -10.59 -25.51 -36.54
CA ASN A 89 -9.16 -25.51 -36.26
C ASN A 89 -8.88 -24.96 -34.86
N CYS A 90 -9.57 -23.88 -34.48
CA CYS A 90 -9.45 -23.35 -33.13
C CYS A 90 -9.86 -24.38 -32.09
N ALA A 91 -10.83 -25.24 -32.42
CA ALA A 91 -11.22 -26.30 -31.51
C ALA A 91 -10.17 -27.42 -31.46
N MET A 92 -9.57 -27.74 -32.62
CA MET A 92 -8.56 -28.78 -32.66
C MET A 92 -7.35 -28.41 -31.82
N LYS A 93 -6.94 -27.14 -31.86
CA LYS A 93 -5.83 -26.69 -31.04
C LYS A 93 -6.14 -26.75 -29.56
N GLY A 94 -7.42 -26.84 -29.19
CA GLY A 94 -7.81 -27.04 -27.81
C GLY A 94 -8.30 -25.82 -27.06
N LYS A 95 -8.88 -24.84 -27.75
CA LYS A 95 -9.45 -23.68 -27.10
C LYS A 95 -10.97 -23.68 -27.26
N HIS A 96 -11.65 -23.12 -26.27
CA HIS A 96 -13.10 -23.19 -26.22
C HIS A 96 -13.72 -22.27 -27.27
N LYS A 97 -14.88 -22.71 -27.79
CA LYS A 97 -15.49 -22.03 -28.93
C LYS A 97 -15.88 -20.60 -28.61
N ASP A 98 -16.21 -20.32 -27.35
CA ASP A 98 -16.53 -18.94 -26.96
C ASP A 98 -15.37 -18.01 -27.27
N GLU A 99 -14.13 -18.52 -27.19
CA GLU A 99 -12.99 -17.75 -27.65
C GLU A 99 -12.80 -17.85 -29.16
N CYS A 100 -13.26 -18.95 -29.76
CA CYS A 100 -13.14 -19.17 -31.20
C CYS A 100 -14.15 -18.31 -31.96
N HIS A 101 -13.97 -17.00 -31.84
CA HIS A 101 -14.77 -16.03 -32.56
C HIS A 101 -13.86 -14.96 -33.14
N ASN A 102 -14.44 -14.09 -33.97
CA ASN A 102 -13.69 -13.03 -34.62
C ASN A 102 -13.87 -11.72 -33.86
N PHE A 103 -13.22 -11.66 -32.70
CA PHE A 103 -13.26 -10.45 -31.89
C PHE A 103 -12.47 -9.35 -32.58
N ILE A 104 -13.17 -8.29 -32.99
CA ILE A 104 -12.53 -7.17 -33.69
C ILE A 104 -11.66 -6.43 -32.67
N LYS A 105 -10.34 -6.47 -32.88
CA LYS A 105 -9.42 -5.81 -31.98
C LYS A 105 -8.68 -4.64 -32.61
N VAL A 106 -8.72 -4.49 -33.94
CA VAL A 106 -8.05 -3.37 -34.61
C VAL A 106 -9.05 -2.68 -35.52
N PHE A 107 -9.14 -1.35 -35.40
CA PHE A 107 -10.05 -0.54 -36.21
C PHE A 107 -9.42 0.84 -36.34
N VAL A 108 -8.51 0.98 -37.30
CA VAL A 108 -7.71 2.19 -37.44
C VAL A 108 -7.95 2.77 -38.82
N PRO A 109 -8.40 4.02 -38.94
CA PRO A 109 -8.51 4.64 -40.27
C PRO A 109 -7.12 4.91 -40.85
N ARG A 110 -6.93 4.52 -42.11
CA ARG A 110 -5.71 4.88 -42.82
C ARG A 110 -5.79 6.26 -43.45
N ASN A 111 -6.90 6.56 -44.12
CA ASN A 111 -7.13 7.90 -44.66
C ASN A 111 -8.52 8.35 -44.25
N ASP A 112 -9.09 9.28 -45.01
CA ASP A 112 -10.42 9.82 -44.71
C ASP A 112 -11.54 9.05 -45.40
N GLU A 113 -11.27 7.86 -45.93
CA GLU A 113 -12.30 7.08 -46.61
C GLU A 113 -12.26 5.59 -46.32
N MET A 114 -11.10 5.01 -46.00
CA MET A 114 -10.98 3.59 -45.74
C MET A 114 -10.49 3.35 -44.33
N VAL A 115 -10.66 2.12 -43.85
CA VAL A 115 -10.31 1.75 -42.49
C VAL A 115 -9.73 0.34 -42.50
N PHE A 116 -8.72 0.14 -41.66
CA PHE A 116 -8.02 -1.13 -41.50
C PHE A 116 -8.60 -1.83 -40.27
N VAL A 117 -9.20 -3.00 -40.47
CA VAL A 117 -9.93 -3.70 -39.44
C VAL A 117 -9.35 -5.10 -39.31
N CYS A 118 -8.78 -5.39 -38.14
CA CYS A 118 -8.20 -6.70 -37.86
C CYS A 118 -8.97 -7.40 -36.76
N GLY A 119 -9.28 -8.67 -36.99
CA GLY A 119 -9.94 -9.51 -36.01
C GLY A 119 -9.15 -10.75 -35.66
N THR A 120 -9.39 -11.29 -34.46
CA THR A 120 -8.64 -12.45 -34.02
C THR A 120 -8.92 -13.67 -34.89
N ASN A 121 -10.15 -13.80 -35.39
CA ASN A 121 -10.55 -14.87 -36.30
C ASN A 121 -10.14 -16.24 -35.76
N ALA A 122 -10.82 -16.62 -34.68
CA ALA A 122 -10.66 -17.92 -34.04
C ALA A 122 -9.20 -18.33 -33.91
N PHE A 123 -8.42 -17.41 -33.34
CA PHE A 123 -6.98 -17.60 -33.13
C PHE A 123 -6.24 -17.78 -34.45
N ASN A 124 -6.73 -17.14 -35.50
CA ASN A 124 -6.00 -17.02 -36.76
C ASN A 124 -6.15 -15.57 -37.21
N PRO A 125 -5.40 -14.66 -36.59
CA PRO A 125 -5.63 -13.22 -36.81
C PRO A 125 -5.64 -12.85 -38.28
N MET A 126 -6.65 -12.10 -38.69
CA MET A 126 -6.77 -11.64 -40.06
C MET A 126 -7.04 -10.15 -40.06
N CYS A 127 -6.85 -9.55 -41.23
CA CYS A 127 -7.01 -8.11 -41.40
C CYS A 127 -7.65 -7.83 -42.76
N ARG A 128 -8.49 -6.81 -42.80
CA ARG A 128 -9.19 -6.42 -44.01
C ARG A 128 -9.28 -4.90 -44.08
N TYR A 129 -9.74 -4.42 -45.23
CA TYR A 129 -10.05 -3.01 -45.42
C TYR A 129 -11.54 -2.85 -45.65
N TYR A 130 -12.11 -1.81 -45.06
CA TYR A 130 -13.51 -1.48 -45.24
C TYR A 130 -13.63 0.01 -45.56
N ARG A 131 -14.77 0.41 -46.08
CA ARG A 131 -15.06 1.83 -46.25
C ARG A 131 -15.78 2.35 -45.01
N LEU A 132 -15.49 3.60 -44.64
CA LEU A 132 -16.09 4.15 -43.43
C LEU A 132 -17.55 4.54 -43.66
N SER A 133 -17.83 5.26 -44.74
CA SER A 133 -19.16 5.81 -44.95
C SER A 133 -20.20 4.72 -45.17
N THR A 134 -19.80 3.56 -45.72
CA THR A 134 -20.74 2.51 -46.04
C THR A 134 -20.43 1.17 -45.41
N LEU A 135 -19.31 1.05 -44.70
CA LEU A 135 -18.89 -0.22 -44.08
C LEU A 135 -18.82 -1.33 -45.12
N GLU A 136 -18.20 -1.02 -46.26
CA GLU A 136 -18.16 -1.94 -47.39
C GLU A 136 -16.80 -2.63 -47.43
N TYR A 137 -16.83 -3.96 -47.35
CA TYR A 137 -15.62 -4.77 -47.47
C TYR A 137 -15.10 -4.76 -48.90
N ASP A 138 -14.24 -3.82 -49.21
CA ASP A 138 -13.71 -3.65 -50.56
C ASP A 138 -12.25 -4.07 -50.56
N GLY A 139 -11.98 -5.26 -51.08
CA GLY A 139 -10.63 -5.79 -51.09
C GLY A 139 -10.60 -7.24 -50.65
N GLU A 140 -9.55 -7.62 -49.94
CA GLU A 140 -9.47 -8.98 -49.42
C GLU A 140 -8.66 -8.96 -48.12
N GLU A 141 -8.21 -10.13 -47.69
CA GLU A 141 -7.66 -10.31 -46.35
C GLU A 141 -6.15 -10.16 -46.35
N ILE A 142 -5.65 -9.31 -45.49
CA ILE A 142 -4.25 -9.31 -45.10
C ILE A 142 -4.11 -10.18 -43.87
N SER A 143 -3.01 -10.92 -43.78
CA SER A 143 -2.79 -11.73 -42.59
C SER A 143 -2.68 -10.84 -41.37
N GLY A 144 -3.04 -11.39 -40.21
CA GLY A 144 -3.07 -10.62 -38.98
C GLY A 144 -1.89 -10.85 -38.05
N LEU A 145 -0.86 -11.55 -38.49
CA LEU A 145 0.29 -11.84 -37.64
C LEU A 145 0.93 -10.54 -37.16
N ALA A 146 1.19 -10.46 -35.86
CA ALA A 146 1.86 -9.31 -35.24
C ALA A 146 1.09 -8.02 -35.41
N ARG A 147 -0.21 -8.13 -35.60
CA ARG A 147 -1.09 -6.96 -35.67
C ARG A 147 -2.35 -7.12 -34.84
N CYS A 148 -2.97 -8.30 -34.88
CA CYS A 148 -4.13 -8.60 -34.05
C CYS A 148 -3.81 -9.81 -33.18
N PRO A 149 -4.14 -9.77 -31.89
CA PRO A 149 -3.78 -10.89 -31.01
C PRO A 149 -4.56 -12.14 -31.38
N PHE A 150 -4.08 -13.27 -30.84
CA PHE A 150 -4.81 -14.53 -30.94
C PHE A 150 -5.91 -14.64 -29.90
N ASP A 151 -5.77 -13.94 -28.77
CA ASP A 151 -6.72 -14.00 -27.67
C ASP A 151 -7.38 -12.65 -27.49
N ALA A 152 -8.66 -12.68 -27.06
CA ALA A 152 -9.42 -11.45 -26.88
C ALA A 152 -9.15 -10.80 -25.53
N ARG A 153 -8.65 -11.56 -24.55
CA ARG A 153 -8.34 -11.00 -23.24
C ARG A 153 -7.07 -10.16 -23.25
N GLN A 154 -6.28 -10.21 -24.32
CA GLN A 154 -5.07 -9.43 -24.39
C GLN A 154 -5.36 -8.00 -24.85
N THR A 155 -4.43 -7.12 -24.55
CA THR A 155 -4.43 -5.78 -25.13
C THR A 155 -3.65 -5.78 -26.43
N ASN A 156 -3.72 -4.66 -27.14
CA ASN A 156 -2.99 -4.52 -28.40
C ASN A 156 -3.00 -3.04 -28.79
N VAL A 157 -2.06 -2.69 -29.66
CA VAL A 157 -1.92 -1.33 -30.15
C VAL A 157 -1.74 -1.38 -31.66
N ALA A 158 -2.35 -0.43 -32.37
CA ALA A 158 -2.19 -0.29 -33.80
C ALA A 158 -2.32 1.17 -34.17
N LEU A 159 -1.33 1.70 -34.87
CA LEU A 159 -1.30 3.12 -35.24
C LEU A 159 -0.77 3.26 -36.65
N PHE A 160 -1.16 4.34 -37.32
CA PHE A 160 -0.68 4.66 -38.66
C PHE A 160 0.11 5.96 -38.61
N ALA A 161 1.31 5.94 -39.18
CA ALA A 161 2.17 7.12 -39.23
C ALA A 161 2.83 7.18 -40.59
N ASP A 162 2.54 8.24 -41.35
CA ASP A 162 3.11 8.46 -42.68
C ASP A 162 2.93 7.25 -43.59
N GLY A 163 1.84 6.51 -43.40
CA GLY A 163 1.53 5.36 -44.21
C GLY A 163 1.96 4.03 -43.65
N LYS A 164 2.81 4.02 -42.62
CA LYS A 164 3.30 2.78 -42.04
C LYS A 164 2.56 2.46 -40.76
N LEU A 165 2.18 1.19 -40.60
CA LEU A 165 1.45 0.73 -39.43
C LEU A 165 2.43 0.24 -38.38
N TYR A 166 2.36 0.82 -37.19
CA TYR A 166 3.09 0.38 -36.01
C TYR A 166 2.12 -0.36 -35.12
N SER A 167 2.33 -1.65 -34.94
CA SER A 167 1.49 -2.49 -34.10
C SER A 167 2.26 -2.94 -32.87
N ALA A 168 1.53 -3.48 -31.91
CA ALA A 168 2.14 -3.97 -30.68
C ALA A 168 1.21 -5.03 -30.10
N THR A 169 1.68 -6.27 -30.02
CA THR A 169 0.84 -7.38 -29.55
C THR A 169 1.66 -8.64 -29.33
N VAL A 170 1.05 -9.81 -29.56
CA VAL A 170 1.76 -11.06 -29.61
C VAL A 170 1.62 -11.63 -31.01
N ALA A 171 2.52 -12.55 -31.35
CA ALA A 171 2.58 -13.09 -32.70
C ALA A 171 2.46 -14.61 -32.76
N ASP A 172 2.23 -15.28 -31.64
CA ASP A 172 2.19 -16.72 -31.61
C ASP A 172 0.95 -17.20 -30.87
N PHE A 173 0.54 -18.43 -31.19
CA PHE A 173 -0.60 -19.03 -30.52
C PHE A 173 -0.31 -19.29 -29.05
N LEU A 174 0.93 -19.66 -28.72
CA LEU A 174 1.30 -19.95 -27.35
C LEU A 174 1.43 -18.70 -26.48
N ALA A 175 1.26 -17.52 -27.06
CA ALA A 175 1.33 -16.25 -26.34
C ALA A 175 2.66 -16.11 -25.59
N SER A 176 3.74 -16.08 -26.36
CA SER A 176 5.08 -15.95 -25.80
C SER A 176 5.94 -14.92 -26.53
N ASP A 177 5.54 -14.44 -27.69
CA ASP A 177 6.34 -13.52 -28.48
C ASP A 177 5.67 -12.15 -28.49
N ALA A 178 5.68 -11.50 -27.33
CA ALA A 178 5.26 -10.11 -27.25
C ALA A 178 6.22 -9.25 -28.06
N VAL A 179 5.68 -8.44 -28.97
CA VAL A 179 6.49 -7.77 -29.97
C VAL A 179 5.87 -6.41 -30.31
N ILE A 180 6.75 -5.47 -30.61
CA ILE A 180 6.38 -4.21 -31.26
C ILE A 180 6.82 -4.33 -32.72
N TYR A 181 5.88 -4.15 -33.63
CA TYR A 181 6.07 -4.45 -35.05
C TYR A 181 5.80 -3.19 -35.87
N ARG A 182 6.38 -3.13 -37.06
CA ARG A 182 6.01 -2.10 -38.02
C ARG A 182 6.04 -2.70 -39.42
N SER A 183 5.08 -2.30 -40.24
CA SER A 183 4.99 -2.80 -41.60
C SER A 183 4.19 -1.80 -42.43
N MET A 184 3.92 -2.18 -43.68
CA MET A 184 3.20 -1.33 -44.62
C MET A 184 3.93 -0.02 -44.88
N GLY A 185 3.45 0.76 -45.82
CA GLY A 185 4.17 1.96 -46.20
C GLY A 185 5.31 1.66 -47.15
N ASP A 186 6.37 2.46 -47.03
CA ASP A 186 7.56 2.32 -47.87
C ASP A 186 8.81 2.28 -46.98
N GLY A 187 8.88 1.25 -46.14
CA GLY A 187 10.02 1.08 -45.25
C GLY A 187 10.54 -0.33 -45.24
N SER A 188 10.44 -1.00 -44.10
CA SER A 188 10.84 -2.39 -43.95
C SER A 188 10.09 -2.97 -42.76
N ALA A 189 10.11 -4.30 -42.66
CA ALA A 189 9.40 -5.02 -41.62
C ALA A 189 10.29 -5.13 -40.39
N LEU A 190 10.16 -4.16 -39.49
CA LEU A 190 10.94 -4.12 -38.26
C LEU A 190 10.17 -4.73 -37.10
N ARG A 191 10.90 -5.24 -36.12
CA ARG A 191 10.30 -5.84 -34.93
C ARG A 191 11.33 -5.87 -33.82
N THR A 192 10.86 -6.14 -32.61
CA THR A 192 11.75 -6.32 -31.48
C THR A 192 12.27 -7.76 -31.44
N ILE A 193 13.26 -7.98 -30.58
CA ILE A 193 13.93 -9.28 -30.53
C ILE A 193 13.05 -10.27 -29.78
N LYS A 194 12.83 -11.43 -30.38
CA LYS A 194 12.00 -12.45 -29.76
C LYS A 194 12.68 -13.01 -28.51
N TYR A 195 11.90 -13.12 -27.43
CA TYR A 195 12.35 -13.74 -26.18
C TYR A 195 13.58 -13.02 -25.62
N ASP A 196 13.53 -11.70 -25.62
CA ASP A 196 14.61 -10.85 -25.11
C ASP A 196 14.05 -10.03 -23.96
N SER A 197 14.16 -10.57 -22.74
CA SER A 197 13.65 -9.87 -21.57
C SER A 197 14.35 -8.53 -21.34
N LYS A 198 15.55 -8.35 -21.88
CA LYS A 198 16.21 -7.06 -21.78
C LYS A 198 15.49 -5.99 -22.59
N TRP A 199 14.84 -6.38 -23.69
CA TRP A 199 14.11 -5.43 -24.52
C TRP A 199 12.68 -5.23 -24.02
N ILE A 200 11.98 -6.31 -23.70
CA ILE A 200 10.63 -6.23 -23.17
C ILE A 200 10.34 -7.54 -22.45
N LYS A 201 9.71 -7.45 -21.28
CA LYS A 201 9.53 -8.61 -20.40
C LYS A 201 8.07 -8.68 -19.97
N GLU A 202 7.37 -9.69 -20.50
CA GLU A 202 5.97 -9.97 -20.20
C GLU A 202 5.14 -8.68 -20.11
N PRO A 203 5.05 -7.91 -21.18
CA PRO A 203 4.41 -6.60 -21.12
C PRO A 203 2.92 -6.67 -21.44
N HIS A 204 2.24 -5.57 -21.17
CA HIS A 204 0.82 -5.39 -21.51
C HIS A 204 0.71 -4.04 -22.19
N PHE A 205 0.67 -4.04 -23.52
CA PHE A 205 0.68 -2.81 -24.29
C PHE A 205 -0.63 -2.06 -24.10
N LEU A 206 -0.54 -0.74 -23.95
CA LEU A 206 -1.72 0.07 -23.64
C LEU A 206 -2.01 1.11 -24.71
N HIS A 207 -1.06 2.00 -25.02
CA HIS A 207 -1.38 3.13 -25.89
C HIS A 207 -0.16 3.49 -26.73
N ALA A 208 -0.36 4.39 -27.69
CA ALA A 208 0.72 4.85 -28.54
C ALA A 208 0.37 6.21 -29.13
N ILE A 209 1.39 7.04 -29.30
CA ILE A 209 1.24 8.39 -29.84
C ILE A 209 2.36 8.64 -30.84
N GLU A 210 2.13 9.61 -31.74
CA GLU A 210 3.10 10.02 -32.74
C GLU A 210 3.51 11.46 -32.44
N TYR A 211 4.78 11.68 -32.09
CA TYR A 211 5.23 13.01 -31.74
C TYR A 211 6.59 13.28 -32.35
N GLY A 212 6.73 14.45 -32.98
CA GLY A 212 8.00 14.84 -33.57
C GLY A 212 8.47 13.83 -34.59
N ASN A 213 9.73 13.43 -34.49
CA ASN A 213 10.31 12.44 -35.38
C ASN A 213 10.11 11.02 -34.88
N TYR A 214 9.36 10.82 -33.80
CA TYR A 214 9.29 9.53 -33.14
C TYR A 214 7.85 9.09 -32.95
N VAL A 215 7.70 7.80 -32.70
CA VAL A 215 6.46 7.21 -32.24
C VAL A 215 6.72 6.62 -30.86
N TYR A 216 5.93 7.05 -29.88
CA TYR A 216 6.06 6.61 -28.50
C TYR A 216 4.99 5.57 -28.19
N PHE A 217 5.37 4.60 -27.37
CA PHE A 217 4.47 3.55 -26.88
C PHE A 217 4.37 3.67 -25.37
N PHE A 218 3.25 3.21 -24.82
CA PHE A 218 2.99 3.29 -23.39
C PHE A 218 2.46 1.95 -22.93
N PHE A 219 3.17 1.31 -22.00
CA PHE A 219 2.79 -0.03 -21.54
C PHE A 219 3.33 -0.22 -20.12
N ARG A 220 3.17 -1.44 -19.60
CA ARG A 220 3.72 -1.82 -18.32
C ARG A 220 4.35 -3.20 -18.47
N GLU A 221 5.34 -3.49 -17.63
CA GLU A 221 6.05 -4.75 -17.76
C GLU A 221 6.81 -5.06 -16.47
N ILE A 222 7.22 -6.31 -16.34
CA ILE A 222 8.04 -6.72 -15.20
C ILE A 222 9.34 -5.92 -15.22
N ALA A 223 9.67 -5.32 -14.07
CA ALA A 223 10.84 -4.47 -13.98
C ALA A 223 12.10 -5.29 -13.71
N VAL A 224 13.18 -4.93 -14.41
CA VAL A 224 14.48 -5.54 -14.16
C VAL A 224 15.31 -4.74 -13.16
N GLU A 225 14.94 -3.48 -12.90
CA GLU A 225 15.56 -2.74 -11.82
C GLU A 225 15.13 -3.23 -10.45
N HIS A 226 14.31 -4.28 -10.39
CA HIS A 226 13.87 -4.90 -9.14
C HIS A 226 14.06 -6.41 -9.16
N ASN A 227 15.00 -6.91 -9.96
CA ASN A 227 15.15 -8.35 -10.12
C ASN A 227 15.64 -9.02 -8.85
N ASN A 228 16.32 -8.30 -7.96
CA ASN A 228 16.71 -8.87 -6.68
C ASN A 228 15.55 -8.95 -5.69
N LEU A 229 14.45 -8.25 -5.96
CA LEU A 229 13.28 -8.29 -5.09
C LEU A 229 12.25 -9.27 -5.62
N GLY A 230 11.06 -8.76 -5.95
CA GLY A 230 9.99 -9.56 -6.48
C GLY A 230 9.68 -9.23 -7.93
N LYS A 231 8.60 -9.85 -8.42
CA LYS A 231 8.18 -9.67 -9.80
C LYS A 231 7.36 -8.39 -9.96
N ALA A 232 7.89 -7.28 -9.46
CA ALA A 232 7.17 -6.02 -9.53
C ALA A 232 7.07 -5.52 -10.97
N VAL A 233 6.01 -4.77 -11.26
CA VAL A 233 5.71 -4.27 -12.59
C VAL A 233 5.89 -2.75 -12.59
N TYR A 234 6.63 -2.25 -13.56
CA TYR A 234 6.82 -0.83 -13.75
C TYR A 234 6.09 -0.35 -15.00
N SER A 235 5.88 0.96 -15.06
CA SER A 235 5.21 1.62 -16.18
C SER A 235 6.28 2.21 -17.09
N ARG A 236 6.30 1.77 -18.35
CA ARG A 236 7.30 2.19 -19.31
C ARG A 236 6.67 2.97 -20.45
N VAL A 237 7.43 3.93 -20.96
CA VAL A 237 7.15 4.56 -22.24
C VAL A 237 8.34 4.29 -23.15
N ALA A 238 8.08 3.66 -24.28
CA ALA A 238 9.08 3.37 -25.29
C ALA A 238 9.01 4.38 -26.41
N ARG A 239 10.04 4.37 -27.26
CA ARG A 239 10.17 5.33 -28.35
C ARG A 239 10.94 4.70 -29.48
N ILE A 240 10.46 4.93 -30.71
CA ILE A 240 11.13 4.47 -31.92
C ILE A 240 11.09 5.57 -32.97
N CYS A 241 12.02 5.49 -33.93
CA CYS A 241 12.11 6.47 -35.00
C CYS A 241 11.17 6.10 -36.15
N LYS A 242 10.61 7.13 -36.79
CA LYS A 242 9.77 6.88 -37.96
C LYS A 242 10.60 6.36 -39.13
N ASN A 243 11.79 6.93 -39.34
CA ASN A 243 12.62 6.60 -40.48
C ASN A 243 13.59 5.46 -40.21
N ASP A 244 13.34 4.66 -39.17
CA ASP A 244 14.21 3.53 -38.89
C ASP A 244 14.19 2.56 -40.06
N MET A 245 15.36 2.26 -40.61
CA MET A 245 15.48 1.33 -41.71
C MET A 245 16.03 -0.03 -41.30
N GLY A 246 16.54 -0.15 -40.08
CA GLY A 246 17.08 -1.40 -39.60
C GLY A 246 18.57 -1.32 -39.34
N GLY A 247 19.10 -2.40 -38.75
CA GLY A 247 20.51 -2.47 -38.44
C GLY A 247 21.33 -2.92 -39.64
N SER A 248 22.63 -3.00 -39.42
CA SER A 248 23.55 -3.39 -40.48
C SER A 248 23.37 -4.88 -40.79
N GLN A 249 24.17 -5.36 -41.74
CA GLN A 249 24.02 -6.73 -42.23
C GLN A 249 24.43 -7.78 -41.20
N ARG A 250 25.07 -7.38 -40.10
CA ARG A 250 25.47 -8.31 -39.06
C ARG A 250 24.91 -7.98 -37.68
N VAL A 251 24.50 -6.74 -37.44
CA VAL A 251 23.96 -6.35 -36.14
C VAL A 251 22.56 -5.77 -36.35
N LEU A 252 21.63 -6.17 -35.48
CA LEU A 252 20.24 -5.68 -35.49
C LEU A 252 19.62 -5.76 -36.88
N GLU A 253 19.92 -6.84 -37.59
CA GLU A 253 19.35 -7.02 -38.92
C GLU A 253 17.85 -7.25 -38.81
N LYS A 254 17.07 -6.42 -39.50
CA LYS A 254 15.61 -6.49 -39.48
C LYS A 254 15.07 -6.25 -38.07
N HIS A 255 15.72 -5.35 -37.33
CA HIS A 255 15.28 -4.98 -35.99
C HIS A 255 15.46 -3.48 -35.81
N TRP A 256 14.95 -2.98 -34.69
CA TRP A 256 14.94 -1.55 -34.43
C TRP A 256 16.33 -1.05 -34.04
N THR A 257 16.62 0.20 -34.43
CA THR A 257 17.88 0.84 -34.10
C THR A 257 17.68 2.09 -33.25
N SER A 258 16.48 2.28 -32.69
CA SER A 258 16.25 3.43 -31.82
C SER A 258 15.23 3.13 -30.73
N PHE A 259 14.96 1.86 -30.46
CA PHE A 259 14.02 1.46 -29.41
C PHE A 259 14.59 1.86 -28.05
N LEU A 260 14.08 2.94 -27.49
CA LEU A 260 14.51 3.42 -26.18
C LEU A 260 13.31 3.51 -25.26
N LYS A 261 13.41 2.89 -24.08
CA LYS A 261 12.32 2.91 -23.12
C LYS A 261 12.76 3.56 -21.82
N ALA A 262 11.83 4.25 -21.18
CA ALA A 262 12.06 4.92 -19.91
C ALA A 262 10.91 4.60 -18.97
N ARG A 263 11.12 4.92 -17.69
CA ARG A 263 10.14 4.64 -16.64
C ARG A 263 9.33 5.89 -16.33
N LEU A 264 8.06 5.70 -16.04
CA LEU A 264 7.16 6.78 -15.67
C LEU A 264 6.99 6.79 -14.15
N ASN A 265 7.17 7.96 -13.56
CA ASN A 265 7.27 8.12 -12.11
C ASN A 265 6.00 8.82 -11.61
N CYS A 266 5.04 8.02 -11.15
CA CYS A 266 3.80 8.52 -10.57
C CYS A 266 3.86 8.23 -9.07
N SER A 267 4.25 9.23 -8.29
CA SER A 267 4.57 9.03 -6.89
C SER A 267 4.03 10.17 -6.04
N VAL A 268 3.93 9.91 -4.75
CA VAL A 268 3.55 10.89 -3.74
C VAL A 268 4.79 11.20 -2.91
N PRO A 269 5.24 12.46 -2.85
CA PRO A 269 6.53 12.76 -2.20
C PRO A 269 6.49 12.60 -0.68
N GLY A 270 7.62 12.86 -0.05
CA GLY A 270 7.76 12.78 1.39
C GLY A 270 9.17 12.33 1.76
N ASP A 271 9.27 11.63 2.89
CA ASP A 271 10.53 10.99 3.28
C ASP A 271 10.68 9.60 2.68
N SER A 272 9.57 8.98 2.28
CA SER A 272 9.59 7.65 1.65
C SER A 272 8.52 7.67 0.56
N PHE A 273 8.94 7.93 -0.67
CA PHE A 273 8.00 8.07 -1.78
C PHE A 273 7.15 6.82 -1.94
N PHE A 274 5.88 7.03 -2.28
CA PHE A 274 4.95 5.95 -2.57
C PHE A 274 4.65 5.97 -4.06
N TYR A 275 4.93 4.86 -4.73
CA TYR A 275 4.89 4.79 -6.19
C TYR A 275 3.67 4.01 -6.66
N PHE A 276 2.93 4.58 -7.60
CA PHE A 276 1.91 3.86 -8.36
C PHE A 276 2.59 3.38 -9.64
N ASP A 277 3.02 2.11 -9.63
CA ASP A 277 3.85 1.59 -10.70
C ASP A 277 3.08 0.88 -11.81
N VAL A 278 1.85 0.45 -11.56
CA VAL A 278 1.06 -0.22 -12.58
C VAL A 278 0.26 0.82 -13.35
N LEU A 279 0.33 0.75 -14.67
CA LEU A 279 -0.42 1.65 -15.53
C LEU A 279 -1.62 0.92 -16.10
N GLN A 280 -2.79 1.55 -16.04
CA GLN A 280 -4.02 0.94 -16.53
C GLN A 280 -4.52 1.53 -17.84
N SER A 281 -4.24 2.80 -18.10
CA SER A 281 -4.71 3.48 -19.29
C SER A 281 -4.02 4.84 -19.36
N ILE A 282 -4.21 5.52 -20.49
CA ILE A 282 -3.61 6.84 -20.70
C ILE A 282 -4.32 7.47 -21.88
N THR A 283 -4.16 8.79 -22.02
CA THR A 283 -4.79 9.54 -23.09
C THR A 283 -3.78 9.81 -24.20
N ASP A 284 -4.24 10.55 -25.21
CA ASP A 284 -3.35 11.05 -26.25
C ASP A 284 -2.80 12.41 -25.82
N ILE A 285 -2.06 13.05 -26.72
CA ILE A 285 -1.48 14.36 -26.40
C ILE A 285 -2.59 15.40 -26.33
N ILE A 286 -2.76 16.00 -25.16
CA ILE A 286 -3.78 17.01 -24.93
C ILE A 286 -3.07 18.30 -24.54
N GLN A 287 -3.50 19.41 -25.12
CA GLN A 287 -2.87 20.70 -24.86
C GLN A 287 -3.41 21.24 -23.54
N ILE A 288 -2.67 20.99 -22.46
CA ILE A 288 -3.10 21.37 -21.11
C ILE A 288 -2.37 22.64 -20.74
N ASN A 289 -3.01 23.78 -20.97
CA ASN A 289 -2.50 25.10 -20.59
C ASN A 289 -1.11 25.34 -21.17
N GLY A 290 -1.08 25.46 -22.50
CA GLY A 290 0.10 25.86 -23.23
C GLY A 290 1.01 24.71 -23.65
N ILE A 291 1.06 23.63 -22.87
CA ILE A 291 2.02 22.57 -23.16
C ILE A 291 1.31 21.26 -23.49
N PRO A 292 1.88 20.42 -24.34
CA PRO A 292 1.31 19.08 -24.55
C PRO A 292 1.51 18.23 -23.32
N THR A 293 0.49 17.44 -23.00
CA THR A 293 0.45 16.66 -21.77
C THR A 293 -0.22 15.33 -22.06
N VAL A 294 0.27 14.28 -21.40
CA VAL A 294 -0.35 12.96 -21.44
C VAL A 294 -0.71 12.58 -20.02
N ILE A 295 -1.95 12.14 -19.82
CA ILE A 295 -2.51 11.91 -18.50
C ILE A 295 -2.79 10.42 -18.37
N GLY A 296 -2.23 9.81 -17.33
CA GLY A 296 -2.32 8.38 -17.13
C GLY A 296 -2.88 8.01 -15.77
N VAL A 297 -3.53 6.84 -15.72
CA VAL A 297 -4.11 6.29 -14.51
C VAL A 297 -3.22 5.15 -14.03
N PHE A 298 -2.71 5.26 -12.82
CA PHE A 298 -1.76 4.31 -12.25
C PHE A 298 -2.34 3.72 -10.98
N THR A 299 -2.39 2.41 -10.90
CA THR A 299 -2.71 1.71 -9.67
C THR A 299 -1.46 1.01 -9.14
N THR A 300 -1.61 0.39 -7.98
CA THR A 300 -0.51 -0.30 -7.34
C THR A 300 -0.43 -1.73 -7.85
N GLN A 301 0.38 -2.56 -7.19
CA GLN A 301 0.63 -3.91 -7.65
C GLN A 301 -0.61 -4.78 -7.46
N LEU A 302 -0.56 -5.98 -8.03
CA LEU A 302 -1.64 -6.95 -7.89
C LEU A 302 -1.80 -7.34 -6.43
N ASN A 303 -0.79 -8.00 -5.88
CA ASN A 303 -0.79 -8.40 -4.46
C ASN A 303 -0.34 -7.20 -3.63
N SER A 304 -1.25 -6.23 -3.51
CA SER A 304 -1.00 -5.02 -2.74
C SER A 304 -2.33 -4.48 -2.25
N ILE A 305 -2.26 -3.36 -1.52
CA ILE A 305 -3.47 -2.67 -1.07
C ILE A 305 -3.94 -1.78 -2.21
N PRO A 306 -5.12 -2.05 -2.78
CA PRO A 306 -5.56 -1.31 -3.97
C PRO A 306 -5.64 0.20 -3.79
N GLY A 307 -4.76 0.91 -4.50
CA GLY A 307 -4.84 2.36 -4.56
C GLY A 307 -4.59 2.81 -5.98
N SER A 308 -5.18 3.96 -6.32
CA SER A 308 -5.09 4.47 -7.68
C SER A 308 -4.80 5.96 -7.65
N ALA A 309 -4.27 6.47 -8.75
CA ALA A 309 -3.93 7.88 -8.86
C ALA A 309 -3.88 8.24 -10.34
N VAL A 310 -3.82 9.54 -10.61
CA VAL A 310 -3.85 10.07 -11.96
C VAL A 310 -2.72 11.07 -12.10
N CYS A 311 -1.69 10.71 -12.87
CA CYS A 311 -0.54 11.57 -13.09
C CYS A 311 -0.59 12.16 -14.50
N ALA A 312 0.21 13.20 -14.70
CA ALA A 312 0.25 13.90 -15.98
C ALA A 312 1.68 14.30 -16.29
N PHE A 313 2.19 13.85 -17.43
CA PHE A 313 3.56 14.08 -17.85
C PHE A 313 3.59 14.91 -19.12
N GLY A 314 4.54 15.84 -19.19
CA GLY A 314 4.69 16.64 -20.38
C GLY A 314 5.53 15.97 -21.46
N MET A 315 5.43 16.50 -22.68
CA MET A 315 6.17 15.91 -23.79
C MET A 315 7.62 16.41 -23.83
N ASP A 316 7.88 17.62 -23.34
CA ASP A 316 9.28 18.02 -23.17
C ASP A 316 9.94 17.22 -22.06
N ASP A 317 9.21 16.97 -20.98
CA ASP A 317 9.74 16.14 -19.90
C ASP A 317 10.00 14.71 -20.34
N ILE A 318 9.31 14.23 -21.37
CA ILE A 318 9.55 12.88 -21.84
C ILE A 318 10.66 12.84 -22.90
N GLU A 319 10.82 13.92 -23.67
CA GLU A 319 11.94 14.00 -24.60
C GLU A 319 13.25 14.20 -23.85
N LYS A 320 13.20 14.84 -22.68
CA LYS A 320 14.41 15.07 -21.92
C LYS A 320 14.97 13.78 -21.33
N VAL A 321 14.10 12.88 -20.87
CA VAL A 321 14.56 11.63 -20.27
C VAL A 321 15.31 10.79 -21.29
N PHE A 322 14.96 10.89 -22.57
CA PHE A 322 15.69 10.18 -23.61
C PHE A 322 16.96 10.91 -24.03
N LYS A 323 17.05 12.22 -23.79
CA LYS A 323 18.30 12.94 -23.94
C LYS A 323 19.23 12.75 -22.75
N GLY A 324 18.87 11.86 -21.83
CA GLY A 324 19.61 11.66 -20.59
C GLY A 324 20.56 10.48 -20.66
N ARG A 325 20.86 9.92 -19.49
CA ARG A 325 21.82 8.84 -19.38
C ARG A 325 21.14 7.48 -19.53
N PHE A 326 21.93 6.49 -19.95
CA PHE A 326 21.48 5.12 -20.02
C PHE A 326 21.63 4.44 -18.66
N LYS A 327 21.03 3.26 -18.54
CA LYS A 327 21.10 2.48 -17.31
C LYS A 327 21.71 1.12 -17.62
N GLU A 328 22.65 0.69 -16.78
CA GLU A 328 23.30 -0.60 -16.92
C GLU A 328 23.37 -1.29 -15.57
N GLN A 329 23.65 -2.59 -15.62
CA GLN A 329 23.86 -3.41 -14.43
C GLN A 329 25.23 -4.08 -14.60
N LYS A 330 26.27 -3.48 -14.02
CA LYS A 330 27.62 -3.99 -14.18
C LYS A 330 27.76 -5.38 -13.57
N THR A 331 27.68 -5.48 -12.28
CA THR A 331 27.79 -6.82 -11.73
C THR A 331 26.41 -7.37 -11.37
N PRO A 332 26.24 -8.70 -11.35
CA PRO A 332 24.93 -9.27 -10.99
C PRO A 332 24.47 -8.88 -9.60
N ASP A 333 25.37 -8.47 -8.71
CA ASP A 333 24.96 -8.05 -7.38
C ASP A 333 25.28 -6.58 -7.15
N SER A 334 24.96 -5.74 -8.12
CA SER A 334 25.09 -4.30 -7.99
C SER A 334 23.79 -3.63 -8.39
N VAL A 335 23.61 -2.41 -7.88
CA VAL A 335 22.42 -1.62 -8.19
C VAL A 335 22.57 -1.04 -9.59
N TRP A 336 21.48 -1.08 -10.36
CA TRP A 336 21.46 -0.49 -11.69
C TRP A 336 21.93 0.95 -11.65
N THR A 337 22.83 1.30 -12.56
CA THR A 337 23.57 2.55 -12.48
C THR A 337 23.54 3.26 -13.83
N ALA A 338 23.95 4.53 -13.80
CA ALA A 338 23.99 5.33 -15.02
C ALA A 338 25.33 5.14 -15.73
N VAL A 339 25.26 4.97 -17.04
CA VAL A 339 26.48 4.83 -17.85
C VAL A 339 27.12 6.20 -18.01
N PRO A 340 28.43 6.34 -17.79
CA PRO A 340 29.07 7.65 -17.93
C PRO A 340 28.98 8.17 -19.36
N GLU A 341 28.90 9.49 -19.47
CA GLU A 341 28.71 10.11 -20.78
C GLU A 341 29.89 9.85 -21.71
N ASP A 342 31.10 9.79 -21.17
CA ASP A 342 32.28 9.52 -22.00
C ASP A 342 32.43 8.03 -22.32
N LYS A 343 31.45 7.20 -21.97
CA LYS A 343 31.49 5.77 -22.28
C LYS A 343 30.39 5.35 -23.24
N VAL A 344 29.56 6.28 -23.71
CA VAL A 344 28.52 5.94 -24.67
C VAL A 344 29.05 6.18 -26.07
N PRO A 345 28.69 5.35 -27.05
CA PRO A 345 29.30 5.47 -28.39
C PRO A 345 28.77 6.64 -29.18
N LYS A 346 29.14 6.70 -30.47
CA LYS A 346 28.68 7.73 -31.38
C LYS A 346 28.18 7.07 -32.66
N PRO A 347 27.11 7.61 -33.28
CA PRO A 347 26.38 8.80 -32.83
C PRO A 347 25.46 8.52 -31.65
N ARG A 348 24.84 9.56 -31.12
CA ARG A 348 23.92 9.48 -29.99
C ARG A 348 22.86 8.42 -30.25
N PRO A 349 22.89 7.29 -29.52
CA PRO A 349 21.92 6.23 -29.76
C PRO A 349 20.50 6.72 -29.50
N GLY A 350 19.59 6.31 -30.38
CA GLY A 350 18.20 6.72 -30.30
C GLY A 350 17.84 7.89 -31.18
N CYS A 351 18.80 8.72 -31.56
CA CYS A 351 18.54 9.81 -32.49
C CYS A 351 18.32 9.25 -33.89
N CYS A 352 17.37 9.84 -34.61
CA CYS A 352 17.04 9.37 -35.94
C CYS A 352 18.00 9.96 -36.97
N ALA A 353 18.23 9.19 -38.04
CA ALA A 353 19.14 9.61 -39.09
C ALA A 353 18.67 10.90 -39.73
N LYS A 354 19.63 11.65 -40.29
CA LYS A 354 19.39 12.92 -40.95
C LYS A 354 18.75 13.95 -40.02
N HIS A 355 18.91 13.79 -38.71
CA HIS A 355 18.28 14.68 -37.75
C HIS A 355 19.22 14.96 -36.58
N GLY A 356 19.46 16.25 -36.32
CA GLY A 356 20.20 16.68 -35.15
C GLY A 356 21.62 16.17 -35.09
N LEU A 357 21.84 15.14 -34.26
CA LEU A 357 23.18 14.61 -34.03
C LEU A 357 23.59 13.56 -35.04
N ALA A 358 22.63 12.77 -35.55
CA ALA A 358 22.91 11.76 -36.57
C ALA A 358 22.60 12.26 -37.97
N GLU A 359 22.74 13.57 -38.21
CA GLU A 359 22.45 14.14 -39.52
C GLU A 359 23.48 13.75 -40.57
N ALA A 360 24.61 13.18 -40.17
CA ALA A 360 25.61 12.68 -41.12
C ALA A 360 25.30 11.26 -41.56
N TYR A 361 24.13 10.73 -41.23
CA TYR A 361 23.70 9.41 -41.65
C TYR A 361 22.37 9.55 -42.38
N LYS A 362 22.26 8.94 -43.55
CA LYS A 362 21.02 8.97 -44.32
C LYS A 362 20.22 7.68 -44.20
N THR A 363 20.77 6.64 -43.59
CA THR A 363 20.04 5.41 -43.33
C THR A 363 20.56 4.77 -42.06
N SER A 364 19.70 3.99 -41.41
CA SER A 364 20.07 3.33 -40.17
C SER A 364 20.93 2.11 -40.39
N ILE A 365 21.14 1.69 -41.65
CA ILE A 365 22.05 0.58 -41.91
C ILE A 365 23.50 1.05 -41.98
N ASP A 366 23.74 2.33 -42.31
CA ASP A 366 25.07 2.89 -42.22
C ASP A 366 25.52 3.13 -40.78
N PHE A 367 24.67 2.88 -39.80
CA PHE A 367 25.04 3.11 -38.41
C PHE A 367 26.20 2.19 -38.02
N PRO A 368 27.14 2.66 -37.22
CA PRO A 368 28.30 1.83 -36.85
C PRO A 368 27.89 0.67 -35.95
N ASP A 369 28.75 -0.34 -35.93
CA ASP A 369 28.57 -1.44 -34.99
C ASP A 369 28.86 -1.02 -33.55
N ASP A 370 29.49 0.14 -33.35
CA ASP A 370 29.69 0.62 -31.99
C ASP A 370 28.37 1.06 -31.37
N THR A 371 27.52 1.73 -32.15
CA THR A 371 26.29 2.26 -31.59
C THR A 371 25.18 1.23 -31.61
N LEU A 372 25.11 0.42 -32.66
CA LEU A 372 24.00 -0.52 -32.81
C LEU A 372 24.08 -1.67 -31.82
N SER A 373 25.28 -2.14 -31.51
CA SER A 373 25.42 -3.19 -30.51
C SER A 373 25.35 -2.66 -29.09
N PHE A 374 25.50 -1.34 -28.90
CA PHE A 374 25.32 -0.74 -27.59
C PHE A 374 23.85 -0.67 -27.20
N ILE A 375 23.02 -0.09 -28.07
CA ILE A 375 21.59 0.00 -27.84
C ILE A 375 20.92 -1.37 -27.83
N LYS A 376 21.62 -2.41 -28.29
CA LYS A 376 21.09 -3.76 -28.22
C LYS A 376 21.17 -4.33 -26.81
N SER A 377 22.12 -3.85 -26.00
CA SER A 377 22.27 -4.31 -24.63
C SER A 377 22.02 -3.22 -23.60
N HIS A 378 21.76 -1.98 -24.03
CA HIS A 378 21.42 -0.89 -23.12
C HIS A 378 20.17 -0.17 -23.64
N PRO A 379 19.02 -0.86 -23.68
CA PRO A 379 17.81 -0.23 -24.20
C PRO A 379 17.03 0.59 -23.18
N LEU A 380 17.40 0.54 -21.91
CA LEU A 380 16.69 1.22 -20.84
C LEU A 380 17.44 2.47 -20.42
N MET A 381 16.71 3.57 -20.26
CA MET A 381 17.29 4.82 -19.81
C MET A 381 17.47 4.81 -18.29
N ASP A 382 18.33 5.70 -17.81
CA ASP A 382 18.58 5.80 -16.38
C ASP A 382 17.50 6.64 -15.69
N SER A 383 17.23 7.82 -16.21
CA SER A 383 16.24 8.70 -15.60
C SER A 383 14.83 8.12 -15.74
N ALA A 384 13.95 8.58 -14.86
CA ALA A 384 12.53 8.29 -14.94
C ALA A 384 11.77 9.57 -15.29
N VAL A 385 10.60 9.40 -15.87
CA VAL A 385 9.81 10.54 -16.31
C VAL A 385 9.01 11.08 -15.12
N PRO A 386 9.28 12.30 -14.66
CA PRO A 386 8.55 12.84 -13.53
C PRO A 386 7.25 13.48 -13.98
N PRO A 387 6.26 13.57 -13.10
CA PRO A 387 5.01 14.25 -13.44
C PRO A 387 5.20 15.77 -13.29
N ILE A 388 4.16 16.50 -13.63
CA ILE A 388 4.12 17.93 -13.39
C ILE A 388 3.60 18.16 -11.99
N ALA A 389 4.08 19.24 -11.36
CA ALA A 389 3.77 19.57 -9.97
C ALA A 389 4.24 18.48 -9.02
N ASP A 390 4.89 17.44 -9.54
CA ASP A 390 5.59 16.41 -8.79
C ASP A 390 4.68 15.59 -7.87
N GLU A 391 3.37 15.79 -7.97
CA GLU A 391 2.39 15.04 -7.19
C GLU A 391 1.20 14.74 -8.07
N PRO A 392 0.52 13.61 -7.85
CA PRO A 392 -0.61 13.24 -8.71
C PRO A 392 -1.70 14.32 -8.71
N TRP A 393 -2.49 14.31 -9.77
CA TRP A 393 -3.60 15.24 -9.88
C TRP A 393 -4.85 14.76 -9.16
N PHE A 394 -4.89 13.49 -8.75
CA PHE A 394 -6.02 12.92 -8.03
C PHE A 394 -5.63 11.51 -7.60
N THR A 395 -6.22 11.05 -6.49
CA THR A 395 -5.96 9.71 -6.02
C THR A 395 -7.21 9.16 -5.35
N LYS A 396 -7.23 7.84 -5.19
CA LYS A 396 -8.39 7.14 -4.63
C LYS A 396 -7.86 5.85 -3.99
N THR A 397 -7.95 5.75 -2.68
CA THR A 397 -7.32 4.67 -1.94
C THR A 397 -8.28 3.87 -1.08
N ARG A 398 -9.06 4.54 -0.22
CA ARG A 398 -9.85 3.86 0.79
C ARG A 398 -10.97 2.99 0.22
N VAL A 399 -11.08 2.87 -1.10
CA VAL A 399 -12.13 2.07 -1.71
C VAL A 399 -11.57 0.71 -2.11
N ARG A 400 -12.47 -0.20 -2.48
CA ARG A 400 -12.13 -1.59 -2.74
C ARG A 400 -11.78 -1.85 -4.20
N TYR A 401 -11.89 -0.84 -5.07
CA TYR A 401 -11.72 -1.02 -6.50
C TYR A 401 -10.52 -0.22 -6.99
N ARG A 402 -10.12 -0.49 -8.24
CA ARG A 402 -9.08 0.25 -8.93
C ARG A 402 -9.68 0.97 -10.13
N LEU A 403 -9.12 2.14 -10.44
CA LEU A 403 -9.57 2.90 -11.60
C LEU A 403 -8.94 2.36 -12.87
N THR A 404 -9.70 2.46 -13.97
CA THR A 404 -9.23 1.94 -15.25
C THR A 404 -9.26 3.00 -16.34
N ALA A 405 -10.42 3.21 -16.94
CA ALA A 405 -10.53 4.06 -18.13
C ALA A 405 -10.23 5.52 -17.78
N ILE A 406 -10.11 6.34 -18.83
CA ILE A 406 -9.72 7.73 -18.65
C ILE A 406 -10.13 8.51 -19.90
N GLU A 407 -10.62 9.73 -19.68
CA GLU A 407 -10.87 10.69 -20.74
C GLU A 407 -10.86 12.07 -20.11
N VAL A 408 -10.66 13.09 -20.93
CA VAL A 408 -10.43 14.45 -20.43
C VAL A 408 -11.15 15.45 -21.32
N ASP A 409 -11.80 16.42 -20.68
CA ASP A 409 -12.29 17.62 -21.35
C ASP A 409 -11.29 18.74 -21.04
N ARG A 410 -10.50 19.11 -22.05
CA ARG A 410 -9.51 20.17 -21.87
C ARG A 410 -10.15 21.55 -21.79
N SER A 411 -11.37 21.70 -22.31
CA SER A 411 -12.07 22.99 -22.35
C SER A 411 -13.49 22.77 -21.84
N ALA A 412 -13.71 23.13 -20.58
CA ALA A 412 -15.01 22.98 -19.93
C ALA A 412 -15.41 24.30 -19.29
N GLY A 413 -16.72 24.51 -19.22
CA GLY A 413 -17.26 25.73 -18.65
C GLY A 413 -17.56 26.76 -19.71
N PRO A 414 -18.17 27.88 -19.29
CA PRO A 414 -18.56 28.91 -20.28
C PRO A 414 -17.37 29.48 -21.02
N TYR A 415 -16.32 29.86 -20.32
CA TYR A 415 -15.11 30.36 -20.93
C TYR A 415 -14.13 29.25 -21.28
N GLN A 416 -14.54 28.00 -21.10
CA GLN A 416 -13.77 26.79 -21.41
C GLN A 416 -12.29 26.97 -21.06
N ASN A 417 -12.05 27.32 -19.80
CA ASN A 417 -10.70 27.46 -19.25
C ASN A 417 -10.50 26.56 -18.04
N TYR A 418 -11.26 25.47 -17.96
CA TYR A 418 -11.13 24.51 -16.89
C TYR A 418 -11.04 23.10 -17.47
N THR A 419 -10.27 22.25 -16.80
CA THR A 419 -10.03 20.88 -17.24
C THR A 419 -10.82 19.93 -16.35
N VAL A 420 -11.55 19.01 -16.98
CA VAL A 420 -12.31 18.00 -16.26
C VAL A 420 -11.81 16.64 -16.67
N ILE A 421 -11.80 15.69 -15.73
CA ILE A 421 -11.23 14.37 -15.95
C ILE A 421 -12.25 13.32 -15.54
N PHE A 422 -12.49 12.35 -16.42
CA PHE A 422 -13.43 11.27 -16.19
C PHE A 422 -12.65 9.97 -16.14
N VAL A 423 -12.71 9.27 -15.01
CA VAL A 423 -11.99 8.02 -14.85
C VAL A 423 -12.97 6.89 -14.58
N GLY A 424 -12.61 5.69 -15.02
CA GLY A 424 -13.43 4.51 -14.80
C GLY A 424 -13.09 3.85 -13.48
N SER A 425 -13.60 2.64 -13.31
CA SER A 425 -13.32 1.86 -12.11
C SER A 425 -13.69 0.41 -12.36
N GLU A 426 -13.13 -0.47 -11.53
CA GLU A 426 -13.42 -1.90 -11.63
C GLU A 426 -14.85 -2.25 -11.27
N ALA A 427 -15.63 -1.31 -10.72
CA ALA A 427 -16.98 -1.60 -10.26
C ALA A 427 -17.99 -0.66 -10.90
N GLY A 428 -17.72 -0.19 -12.12
CA GLY A 428 -18.66 0.69 -12.81
C GLY A 428 -18.88 2.01 -12.12
N VAL A 429 -17.84 2.56 -11.48
CA VAL A 429 -17.98 3.84 -10.79
C VAL A 429 -17.17 4.90 -11.54
N VAL A 430 -17.80 5.62 -12.44
CA VAL A 430 -17.13 6.66 -13.20
C VAL A 430 -17.02 7.90 -12.33
N LEU A 431 -15.79 8.34 -12.06
CA LEU A 431 -15.52 9.50 -11.25
C LEU A 431 -15.24 10.70 -12.13
N LYS A 432 -15.84 11.84 -11.77
CA LYS A 432 -15.69 13.10 -12.48
C LYS A 432 -14.97 14.08 -11.57
N VAL A 433 -13.80 14.53 -11.99
CA VAL A 433 -12.90 15.32 -11.14
C VAL A 433 -12.56 16.62 -11.85
N LEU A 434 -12.80 17.74 -11.18
CA LEU A 434 -12.22 19.01 -11.58
C LEU A 434 -10.77 19.00 -11.14
N ALA A 435 -9.85 18.95 -12.10
CA ALA A 435 -8.45 18.76 -11.82
C ALA A 435 -7.71 20.09 -11.73
N LYS A 436 -6.70 20.12 -10.86
CA LYS A 436 -5.83 21.28 -10.71
C LYS A 436 -4.62 21.09 -11.60
N THR A 437 -4.42 21.99 -12.57
CA THR A 437 -3.34 21.87 -13.53
C THR A 437 -2.30 22.98 -13.42
N SER A 438 -2.63 24.08 -12.78
CA SER A 438 -1.75 25.23 -12.65
C SER A 438 -1.68 25.63 -11.18
N PRO A 439 -0.62 26.32 -10.76
CA PRO A 439 -0.58 26.85 -9.39
C PRO A 439 -1.77 27.74 -9.08
N PHE A 440 -1.98 28.77 -9.89
CA PHE A 440 -3.11 29.69 -9.71
C PHE A 440 -4.35 29.03 -10.29
N SER A 441 -5.09 28.31 -9.44
CA SER A 441 -6.31 27.64 -9.86
C SER A 441 -7.19 27.34 -8.65
N LEU A 442 -7.09 26.11 -8.13
CA LEU A 442 -7.85 25.70 -6.95
C LEU A 442 -6.91 25.63 -5.75
N ASN A 443 -7.36 24.93 -4.70
CA ASN A 443 -6.48 24.49 -3.62
C ASN A 443 -6.17 23.01 -3.71
N ASP A 444 -7.16 22.19 -4.04
CA ASP A 444 -6.98 20.78 -4.32
C ASP A 444 -7.88 20.41 -5.48
N SER A 445 -7.64 19.24 -6.07
CA SER A 445 -8.49 18.74 -7.12
C SER A 445 -9.79 18.21 -6.51
N VAL A 446 -10.92 18.66 -7.05
CA VAL A 446 -12.22 18.45 -6.43
C VAL A 446 -12.97 17.36 -7.16
N LEU A 447 -13.25 16.25 -6.47
CA LEU A 447 -14.11 15.21 -7.02
C LEU A 447 -15.53 15.75 -7.07
N LEU A 448 -15.96 16.20 -8.25
CA LEU A 448 -17.27 16.84 -8.37
C LEU A 448 -18.39 15.84 -8.16
N GLU A 449 -18.40 14.76 -8.96
CA GLU A 449 -19.50 13.82 -8.95
C GLU A 449 -18.97 12.39 -9.04
N GLU A 450 -19.62 11.49 -8.33
CA GLU A 450 -19.35 10.06 -8.39
C GLU A 450 -20.59 9.36 -8.90
N ILE A 451 -20.47 8.68 -10.03
CA ILE A 451 -21.62 8.13 -10.75
C ILE A 451 -21.51 6.61 -10.78
N GLU A 452 -22.62 5.93 -10.47
CA GLU A 452 -22.74 4.49 -10.69
C GLU A 452 -23.33 4.31 -12.09
N ALA A 453 -22.47 4.01 -13.06
CA ALA A 453 -22.90 3.90 -14.44
C ALA A 453 -23.40 2.51 -14.81
N TYR A 454 -22.93 1.48 -14.10
CA TYR A 454 -23.33 0.12 -14.41
C TYR A 454 -24.83 -0.04 -14.27
N ASN A 455 -25.44 -0.72 -15.25
CA ASN A 455 -26.90 -0.89 -15.33
C ASN A 455 -27.20 -2.38 -15.26
N PRO A 456 -27.35 -2.94 -14.06
CA PRO A 456 -27.53 -4.40 -13.95
C PRO A 456 -28.73 -4.94 -14.70
N ALA A 457 -29.82 -4.17 -14.78
CA ALA A 457 -30.99 -4.63 -15.53
C ALA A 457 -30.76 -4.56 -17.03
N LYS A 458 -30.04 -3.54 -17.49
CA LYS A 458 -29.82 -3.33 -18.91
C LYS A 458 -28.58 -4.03 -19.44
N CYS A 459 -27.59 -4.30 -18.57
CA CYS A 459 -26.34 -4.90 -19.01
C CYS A 459 -26.34 -6.41 -18.76
N SER A 460 -25.58 -6.85 -17.76
CA SER A 460 -25.48 -8.26 -17.44
C SER A 460 -25.45 -8.48 -15.93
N ASP A 466 -17.47 -8.04 -14.47
CA ASP A 466 -18.52 -7.85 -15.46
C ASP A 466 -18.95 -6.39 -15.49
N ARG A 467 -18.72 -5.68 -14.39
CA ARG A 467 -19.03 -4.27 -14.28
C ARG A 467 -17.77 -3.41 -14.27
N LYS A 468 -16.70 -3.89 -14.90
CA LYS A 468 -15.46 -3.15 -14.98
C LYS A 468 -15.51 -2.18 -16.16
N VAL A 469 -15.34 -0.89 -15.88
CA VAL A 469 -15.26 0.10 -16.94
C VAL A 469 -14.07 -0.21 -17.82
N VAL A 470 -14.26 -0.19 -19.13
CA VAL A 470 -13.21 -0.54 -20.07
C VAL A 470 -12.61 0.73 -20.66
N SER A 471 -13.43 1.54 -21.33
CA SER A 471 -12.97 2.78 -21.93
C SER A 471 -14.05 3.83 -21.82
N LEU A 472 -13.64 5.09 -21.89
CA LEU A 472 -14.54 6.23 -21.87
C LEU A 472 -14.32 7.06 -23.11
N GLN A 473 -15.41 7.60 -23.66
CA GLN A 473 -15.32 8.45 -24.84
C GLN A 473 -16.09 9.74 -24.60
N LEU A 474 -15.39 10.86 -24.64
CA LEU A 474 -16.03 12.16 -24.50
C LEU A 474 -16.71 12.54 -25.80
N ASP A 475 -17.96 12.99 -25.70
CA ASP A 475 -18.72 13.55 -26.82
C ASP A 475 -19.01 14.99 -26.42
N ARG A 476 -18.00 15.85 -26.57
CA ARG A 476 -18.09 17.20 -26.02
C ARG A 476 -19.18 18.02 -26.70
N ASP A 477 -19.28 17.92 -28.03
CA ASP A 477 -20.26 18.72 -28.75
C ASP A 477 -21.69 18.35 -28.38
N HIS A 478 -21.93 17.07 -28.11
CA HIS A 478 -23.23 16.60 -27.68
C HIS A 478 -23.33 16.47 -26.16
N HIS A 479 -22.32 16.95 -25.44
CA HIS A 479 -22.32 17.02 -23.98
C HIS A 479 -22.65 15.66 -23.37
N ALA A 480 -21.82 14.67 -23.69
CA ALA A 480 -22.07 13.32 -23.23
C ALA A 480 -20.74 12.60 -23.00
N LEU A 481 -20.84 11.44 -22.36
CA LEU A 481 -19.70 10.58 -22.12
C LEU A 481 -20.17 9.14 -22.25
N TYR A 482 -19.60 8.41 -23.19
CA TYR A 482 -19.96 7.02 -23.40
C TYR A 482 -19.04 6.15 -22.56
N VAL A 483 -19.65 5.36 -21.67
CA VAL A 483 -18.94 4.52 -20.72
C VAL A 483 -19.11 3.07 -21.15
N ALA A 484 -18.00 2.37 -21.30
CA ALA A 484 -17.99 1.03 -21.86
C ALA A 484 -17.90 -0.02 -20.76
N PHE A 485 -18.53 -1.16 -21.02
CA PHE A 485 -18.41 -2.34 -20.16
C PHE A 485 -18.28 -3.55 -21.07
N SER A 486 -18.10 -4.71 -20.46
CA SER A 486 -17.94 -5.92 -21.26
C SER A 486 -19.22 -6.38 -21.92
N SER A 487 -20.30 -5.59 -21.89
CA SER A 487 -21.57 -6.04 -22.47
C SER A 487 -22.53 -4.89 -22.73
N CYS A 488 -22.08 -3.65 -22.51
CA CYS A 488 -22.97 -2.52 -22.71
C CYS A 488 -22.15 -1.23 -22.78
N VAL A 489 -22.73 -0.24 -23.46
CA VAL A 489 -22.18 1.11 -23.52
C VAL A 489 -23.29 2.07 -23.11
N VAL A 490 -23.02 2.90 -22.10
CA VAL A 490 -24.03 3.77 -21.52
C VAL A 490 -23.67 5.21 -21.82
N ARG A 491 -24.65 6.00 -22.24
CA ARG A 491 -24.46 7.42 -22.53
C ARG A 491 -24.84 8.23 -21.29
N ILE A 492 -23.83 8.77 -20.61
CA ILE A 492 -24.02 9.53 -19.38
C ILE A 492 -23.80 11.01 -19.70
N PRO A 493 -24.74 11.89 -19.42
CA PRO A 493 -24.49 13.32 -19.64
C PRO A 493 -23.33 13.80 -18.78
N LEU A 494 -22.56 14.75 -19.34
CA LEU A 494 -21.43 15.29 -18.60
C LEU A 494 -21.88 16.00 -17.33
N SER A 495 -23.05 16.60 -17.36
CA SER A 495 -23.56 17.38 -16.25
C SER A 495 -24.73 16.67 -15.59
N ARG A 496 -25.37 17.37 -14.66
CA ARG A 496 -26.51 16.86 -13.92
C ARG A 496 -27.13 18.02 -13.14
N CYS A 497 -26.99 19.24 -13.66
CA CYS A 497 -27.64 20.41 -13.07
C CYS A 497 -29.14 20.23 -12.93
N GLU A 498 -29.70 19.18 -13.53
CA GLU A 498 -31.11 18.85 -13.37
C GLU A 498 -31.45 18.65 -11.90
N ARG A 499 -30.60 17.92 -11.18
CA ARG A 499 -30.91 17.53 -9.81
C ARG A 499 -30.81 18.69 -8.82
N TYR A 500 -30.00 19.70 -9.12
CA TYR A 500 -29.92 20.85 -8.22
C TYR A 500 -31.11 21.77 -8.40
N GLY A 501 -31.60 21.91 -9.63
CA GLY A 501 -32.80 22.68 -9.87
C GLY A 501 -32.61 24.14 -9.53
N SER A 502 -33.60 24.70 -8.84
CA SER A 502 -33.60 26.10 -8.44
C SER A 502 -32.88 26.33 -7.11
N CYS A 503 -32.38 25.28 -6.48
CA CYS A 503 -31.61 25.45 -5.24
C CYS A 503 -30.25 26.05 -5.57
N LYS A 504 -30.19 27.38 -5.63
CA LYS A 504 -28.97 28.08 -6.05
C LYS A 504 -27.75 27.61 -5.27
N LYS A 505 -27.93 27.39 -3.96
CA LYS A 505 -26.89 26.78 -3.14
C LYS A 505 -26.38 25.52 -3.82
N SER A 506 -27.20 24.47 -3.87
CA SER A 506 -26.79 23.19 -4.47
C SER A 506 -25.92 23.36 -5.71
N CYS A 507 -26.31 24.25 -6.61
CA CYS A 507 -25.57 24.41 -7.86
C CYS A 507 -24.21 25.05 -7.62
N ILE A 508 -24.16 26.13 -6.84
CA ILE A 508 -22.87 26.78 -6.63
C ILE A 508 -21.97 25.90 -5.76
N ALA A 509 -22.56 25.20 -4.79
CA ALA A 509 -21.86 24.28 -3.90
C ALA A 509 -21.56 22.93 -4.55
N SER A 510 -21.94 22.73 -5.80
CA SER A 510 -21.43 21.60 -6.56
C SER A 510 -20.17 21.94 -7.32
N ARG A 511 -19.87 23.22 -7.51
CA ARG A 511 -18.66 23.71 -8.16
C ARG A 511 -18.47 23.13 -9.55
N ASP A 512 -19.55 22.72 -10.20
CA ASP A 512 -19.47 22.14 -11.53
C ASP A 512 -19.28 23.24 -12.57
N PRO A 513 -18.25 23.19 -13.40
CA PRO A 513 -18.11 24.20 -14.46
C PRO A 513 -19.16 24.07 -15.55
N TYR A 514 -19.77 22.89 -15.69
CA TYR A 514 -20.83 22.72 -16.68
C TYR A 514 -22.11 23.43 -16.27
N CYS A 515 -22.33 23.60 -14.97
CA CYS A 515 -23.56 24.20 -14.47
C CYS A 515 -23.36 25.68 -14.19
N GLY A 516 -24.36 26.47 -14.53
CA GLY A 516 -24.37 27.89 -14.31
C GLY A 516 -25.76 28.38 -13.92
N TRP A 517 -25.82 29.26 -12.93
CA TRP A 517 -27.08 29.79 -12.42
C TRP A 517 -27.50 31.01 -13.23
N LEU A 518 -28.82 31.21 -13.33
CA LEU A 518 -29.35 32.26 -14.18
C LEU A 518 -30.40 33.05 -13.44
N SER A 519 -30.60 34.31 -13.87
CA SER A 519 -31.56 35.18 -13.22
C SER A 519 -32.97 34.59 -13.23
N GLN A 520 -33.24 33.64 -14.14
CA GLN A 520 -34.56 33.06 -14.31
C GLN A 520 -34.90 32.16 -13.13
N GLY A 521 -33.97 32.11 -12.18
CA GLY A 521 -34.21 31.39 -10.95
C GLY A 521 -33.93 29.91 -10.99
N VAL A 522 -32.95 29.48 -11.79
CA VAL A 522 -32.59 28.06 -11.86
C VAL A 522 -31.20 27.95 -12.47
N CYS A 523 -30.61 26.77 -12.41
CA CYS A 523 -29.20 26.58 -12.75
C CYS A 523 -29.07 25.40 -13.70
N GLU A 524 -28.59 25.68 -14.91
CA GLU A 524 -28.54 24.65 -15.94
C GLU A 524 -27.19 24.59 -16.65
N ARG A 525 -27.11 23.78 -17.71
CA ARG A 525 -25.85 23.60 -18.40
C ARG A 525 -25.38 24.88 -19.06
N VAL A 526 -24.07 25.03 -19.17
CA VAL A 526 -23.48 26.19 -19.84
C VAL A 526 -23.55 26.08 -21.36
N THR A 527 -23.91 24.91 -21.88
CA THR A 527 -24.10 24.70 -23.31
C THR A 527 -25.57 24.80 -23.67
N LEU A 528 -26.22 25.90 -23.29
CA LEU A 528 -27.64 26.10 -23.50
C LEU A 528 -27.96 27.08 -24.62
N GLY A 529 -27.21 28.17 -24.73
CA GLY A 529 -27.42 29.09 -25.83
C GLY A 529 -27.14 30.54 -25.53
N MET A 530 -27.04 30.90 -24.25
CA MET A 530 -26.84 32.29 -23.87
C MET A 530 -25.37 32.60 -23.63
N LEU A 531 -25.08 33.90 -23.51
CA LEU A 531 -23.72 34.38 -23.34
C LEU A 531 -23.10 33.79 -22.08
N ALA A 532 -21.77 33.73 -22.06
CA ALA A 532 -21.06 33.24 -20.89
C ALA A 532 -21.31 34.13 -19.68
N GLY A 533 -21.38 35.44 -19.90
CA GLY A 533 -21.63 36.36 -18.81
C GLY A 533 -23.01 36.21 -18.18
N GLY A 534 -23.93 35.54 -18.87
CA GLY A 534 -25.25 35.32 -18.30
C GLY A 534 -25.28 34.25 -17.23
N TYR A 535 -24.33 33.31 -17.27
CA TYR A 535 -24.27 32.26 -16.27
C TYR A 535 -23.49 32.76 -15.05
N GLU A 536 -23.96 32.36 -13.87
CA GLU A 536 -23.33 32.74 -12.61
C GLU A 536 -22.95 31.47 -11.87
N GLN A 537 -21.71 31.45 -11.37
CA GLN A 537 -21.18 30.30 -10.64
C GLN A 537 -19.88 30.72 -9.97
N ASP A 538 -19.37 29.83 -9.11
CA ASP A 538 -18.12 30.04 -8.40
C ASP A 538 -17.44 28.68 -8.25
N THR A 539 -16.89 28.18 -9.36
CA THR A 539 -16.23 26.89 -9.35
C THR A 539 -14.91 26.93 -8.59
N GLU A 540 -14.28 28.09 -8.45
CA GLU A 540 -13.02 28.19 -7.72
C GLU A 540 -13.22 27.87 -6.24
N TYR A 541 -13.87 28.77 -5.52
CA TYR A 541 -14.09 28.58 -4.09
C TYR A 541 -15.46 27.99 -3.78
N GLY A 542 -16.52 28.61 -4.27
CA GLY A 542 -17.87 28.18 -3.98
C GLY A 542 -18.46 28.92 -2.80
N ASN A 543 -18.34 30.25 -2.81
CA ASN A 543 -18.76 31.07 -1.69
C ASN A 543 -20.27 31.00 -1.52
N THR A 544 -20.69 30.39 -0.42
CA THR A 544 -22.09 30.19 -0.05
C THR A 544 -22.64 31.41 0.71
N ALA A 545 -21.90 32.50 0.73
CA ALA A 545 -22.32 33.69 1.47
C ALA A 545 -23.64 34.25 0.94
N HIS A 546 -24.49 34.69 1.88
CA HIS A 546 -25.74 35.39 1.59
C HIS A 546 -26.77 34.53 0.88
N LEU A 547 -26.82 33.23 1.17
CA LEU A 547 -27.75 32.32 0.53
C LEU A 547 -28.48 31.50 1.59
N GLY A 548 -29.51 30.77 1.15
CA GLY A 548 -30.34 29.98 2.05
C GLY A 548 -30.44 28.53 1.59
N ASP A 549 -30.69 27.65 2.57
CA ASP A 549 -30.70 26.21 2.33
C ASP A 549 -31.90 25.73 1.51
N CYS A 550 -32.52 26.63 0.75
CA CYS A 550 -33.63 26.27 -0.13
C CYS A 550 -34.81 25.65 0.64
N PHE B 5 -3.76 -11.61 -2.61
CA PHE B 5 -3.97 -10.66 -1.52
C PHE B 5 -5.39 -10.79 -0.98
N PRO B 6 -5.51 -11.18 0.30
CA PRO B 6 -6.83 -11.28 0.92
C PRO B 6 -7.51 -9.92 1.10
N GLU B 7 -8.61 -9.91 1.83
CA GLU B 7 -9.37 -8.68 2.03
C GLU B 7 -9.85 -8.61 3.47
N ASP B 8 -10.25 -7.41 3.88
CA ASP B 8 -10.71 -7.20 5.25
C ASP B 8 -11.94 -8.06 5.53
N ASP B 9 -11.93 -8.72 6.69
CA ASP B 9 -13.07 -9.48 7.12
C ASP B 9 -14.19 -8.55 7.58
N GLU B 10 -15.40 -9.11 7.65
CA GLU B 10 -16.51 -8.31 8.14
C GLU B 10 -16.79 -8.64 9.60
N PRO B 11 -16.95 -7.62 10.45
CA PRO B 11 -17.18 -7.90 11.88
C PRO B 11 -18.47 -8.68 12.09
N LEU B 12 -18.33 -9.87 12.68
CA LEU B 12 -19.50 -10.67 13.02
C LEU B 12 -20.43 -9.90 13.95
N ASN B 13 -19.87 -9.10 14.85
CA ASN B 13 -20.69 -8.23 15.67
C ASN B 13 -19.91 -6.99 16.05
N THR B 14 -20.63 -5.87 16.18
CA THR B 14 -20.04 -4.58 16.50
C THR B 14 -20.63 -4.06 17.80
N VAL B 15 -19.76 -3.69 18.73
CA VAL B 15 -20.16 -3.07 19.99
C VAL B 15 -19.95 -1.57 19.83
N ASP B 16 -21.04 -0.82 19.78
CA ASP B 16 -20.99 0.62 19.61
C ASP B 16 -20.84 1.30 20.98
N TYR B 17 -20.86 2.63 20.98
CA TYR B 17 -20.68 3.36 22.23
C TYR B 17 -21.78 3.06 23.22
N HIS B 18 -23.03 3.31 22.83
CA HIS B 18 -24.15 3.24 23.77
C HIS B 18 -24.31 1.88 24.44
N TYR B 19 -23.49 0.91 24.03
CA TYR B 19 -23.30 -0.32 24.78
C TYR B 19 -22.06 -0.26 25.67
N SER B 20 -20.93 0.21 25.12
CA SER B 20 -19.68 0.22 25.88
C SER B 20 -19.67 1.26 26.99
N ARG B 21 -20.50 2.30 26.90
CA ARG B 21 -20.62 3.29 27.95
C ARG B 21 -21.20 2.70 29.22
N GLN B 22 -21.73 1.49 29.15
CA GLN B 22 -22.11 0.73 30.34
C GLN B 22 -20.90 0.03 30.92
N TYR B 23 -19.71 0.63 30.80
CA TYR B 23 -18.50 0.01 31.30
C TYR B 23 -17.71 1.00 32.14
N PRO B 24 -17.00 0.52 33.16
CA PRO B 24 -16.28 1.42 34.06
C PRO B 24 -14.99 1.95 33.45
N VAL B 25 -14.69 3.20 33.75
CA VAL B 25 -13.51 3.88 33.26
C VAL B 25 -12.69 4.36 34.46
N PHE B 26 -11.37 4.35 34.30
CA PHE B 26 -10.47 4.87 35.32
C PHE B 26 -9.95 6.24 34.90
N ARG B 27 -9.90 7.17 35.85
CA ARG B 27 -9.39 8.51 35.60
C ARG B 27 -8.39 9.00 36.65
N GLY B 28 -8.35 8.40 37.84
CA GLY B 28 -7.44 8.84 38.88
C GLY B 28 -8.16 9.42 40.08
N HIS B 37 -6.12 19.46 34.59
CA HIS B 37 -5.30 18.32 35.02
C HIS B 37 -5.82 17.02 34.39
N ARG B 38 -4.91 16.27 33.76
CA ARG B 38 -5.22 15.05 33.06
C ARG B 38 -4.66 13.85 33.84
N LEU B 39 -4.30 12.79 33.14
CA LEU B 39 -3.60 11.64 33.69
C LEU B 39 -2.30 11.35 32.96
N ASP B 40 -2.29 11.45 31.63
CA ASP B 40 -1.10 11.22 30.82
C ASP B 40 -0.54 9.82 31.06
N PHE B 41 -1.36 8.83 30.72
CA PHE B 41 -1.02 7.44 30.94
C PHE B 41 0.28 7.08 30.22
N GLN B 42 1.08 6.23 30.85
CA GLN B 42 2.36 5.82 30.29
C GLN B 42 2.49 4.31 30.16
N LEU B 43 2.16 3.55 31.20
CA LEU B 43 2.26 2.10 31.12
C LEU B 43 1.37 1.46 32.16
N MET B 44 1.27 0.13 32.09
CA MET B 44 0.50 -0.62 33.06
C MET B 44 1.05 -2.03 33.16
N LEU B 45 1.08 -2.55 34.39
CA LEU B 45 1.64 -3.87 34.67
C LEU B 45 0.74 -4.65 35.61
N LYS B 46 0.52 -5.92 35.30
CA LYS B 46 -0.35 -6.78 36.09
C LYS B 46 0.51 -7.76 36.90
N ILE B 47 0.36 -7.73 38.22
CA ILE B 47 1.01 -8.69 39.11
C ILE B 47 -0.10 -9.41 39.86
N ARG B 48 -0.27 -10.70 39.57
CA ARG B 48 -1.35 -11.49 40.14
C ARG B 48 -2.70 -10.81 39.96
N ASP B 49 -3.33 -10.39 41.05
CA ASP B 49 -4.63 -9.75 41.01
C ASP B 49 -4.54 -8.25 41.29
N THR B 50 -3.43 -7.63 40.92
CA THR B 50 -3.22 -6.20 41.12
C THR B 50 -2.72 -5.59 39.82
N LEU B 51 -3.18 -4.38 39.51
CA LEU B 51 -2.77 -3.68 38.31
C LEU B 51 -2.18 -2.33 38.69
N TYR B 52 -0.99 -2.05 38.16
CA TYR B 52 -0.28 -0.79 38.40
C TYR B 52 -0.37 0.05 37.14
N ILE B 53 -0.97 1.23 37.26
CA ILE B 53 -1.15 2.16 36.15
C ILE B 53 -0.23 3.34 36.40
N ALA B 54 0.73 3.56 35.49
CA ALA B 54 1.74 4.58 35.64
C ALA B 54 1.50 5.68 34.62
N GLY B 55 1.32 6.91 35.11
CA GLY B 55 1.17 8.10 34.30
C GLY B 55 2.04 9.22 34.86
N ARG B 56 1.48 10.43 34.83
CA ARG B 56 2.22 11.61 35.27
C ARG B 56 2.28 11.67 36.79
N ASP B 57 3.50 11.84 37.32
CA ASP B 57 3.74 12.14 38.73
C ASP B 57 3.31 11.04 39.69
N GLN B 58 2.32 10.23 39.31
CA GLN B 58 1.71 9.28 40.22
C GLN B 58 1.76 7.88 39.65
N VAL B 59 1.55 6.90 40.52
CA VAL B 59 1.42 5.50 40.16
C VAL B 59 0.25 4.92 40.94
N TYR B 60 -0.74 4.38 40.24
CA TYR B 60 -1.98 3.91 40.86
C TYR B 60 -2.01 2.40 40.95
N THR B 61 -2.56 1.90 42.05
CA THR B 61 -2.81 0.49 42.25
C THR B 61 -4.32 0.25 42.22
N VAL B 62 -4.76 -0.69 41.40
CA VAL B 62 -6.15 -1.11 41.39
C VAL B 62 -6.20 -2.60 41.66
N ASN B 63 -7.21 -3.02 42.42
CA ASN B 63 -7.39 -4.41 42.78
C ASN B 63 -8.31 -5.06 41.75
N LEU B 64 -7.78 -6.04 41.03
CA LEU B 64 -8.58 -6.71 40.01
C LEU B 64 -9.65 -7.61 40.60
N ASN B 65 -9.76 -7.68 41.92
CA ASN B 65 -10.86 -8.38 42.57
C ASN B 65 -12.01 -7.46 42.93
N ASP B 66 -11.82 -6.14 42.87
CA ASP B 66 -12.87 -5.18 43.18
C ASP B 66 -13.72 -4.94 41.94
N ILE B 67 -14.92 -5.50 41.91
CA ILE B 67 -15.86 -5.23 40.83
C ILE B 67 -16.29 -3.77 40.94
N PRO B 68 -16.09 -2.97 39.91
CA PRO B 68 -16.47 -1.55 39.99
C PRO B 68 -17.98 -1.39 40.01
N GLN B 69 -18.42 -0.33 40.69
CA GLN B 69 -19.83 0.04 40.72
C GLN B 69 -20.15 1.22 39.80
N THR B 70 -19.32 2.26 39.81
CA THR B 70 -19.54 3.41 38.95
C THR B 70 -18.25 3.79 38.23
N GLU B 71 -17.12 3.62 38.90
CA GLU B 71 -15.83 4.00 38.35
C GLU B 71 -14.77 3.08 38.92
N VAL B 72 -13.75 2.80 38.12
CA VAL B 72 -12.57 2.08 38.58
C VAL B 72 -11.90 2.92 39.66
N ILE B 73 -11.89 2.42 40.89
CA ILE B 73 -11.38 3.15 42.05
C ILE B 73 -10.00 2.60 42.38
N PRO B 74 -8.96 3.44 42.44
CA PRO B 74 -7.63 2.94 42.77
C PRO B 74 -7.48 2.68 44.26
N SER B 75 -6.87 1.54 44.58
CA SER B 75 -6.66 1.15 45.97
C SER B 75 -5.55 1.98 46.60
N LYS B 76 -4.30 1.61 46.34
CA LYS B 76 -3.15 2.35 46.85
C LYS B 76 -2.64 3.32 45.79
N LYS B 77 -1.92 4.33 46.25
CA LYS B 77 -1.42 5.39 45.39
C LYS B 77 0.01 5.74 45.77
N LEU B 78 0.83 6.08 44.77
CA LEU B 78 2.20 6.50 44.98
C LEU B 78 2.37 7.87 44.31
N THR B 79 2.92 8.82 45.07
CA THR B 79 3.12 10.18 44.58
C THR B 79 4.62 10.49 44.51
N TRP B 80 5.02 11.17 43.43
CA TRP B 80 6.41 11.54 43.24
C TRP B 80 6.47 12.74 42.30
N ARG B 81 6.20 13.93 42.83
CA ARG B 81 6.30 15.15 42.05
C ARG B 81 7.75 15.64 41.99
N SER B 82 8.03 16.46 40.99
CA SER B 82 9.41 16.88 40.73
C SER B 82 9.86 17.92 41.76
N ARG B 83 11.17 18.12 41.82
CA ARG B 83 11.76 19.13 42.68
C ARG B 83 11.24 20.52 42.32
N GLN B 84 11.29 21.43 43.30
CA GLN B 84 10.93 22.81 43.02
C GLN B 84 11.87 23.42 42.00
N GLN B 85 13.17 23.20 42.16
CA GLN B 85 14.14 23.70 41.19
C GLN B 85 14.07 22.95 39.87
N ASP B 86 13.52 21.73 39.87
CA ASP B 86 13.40 20.98 38.62
C ASP B 86 12.21 21.44 37.79
N ARG B 87 11.28 22.18 38.37
CA ARG B 87 10.26 22.83 37.56
C ARG B 87 10.87 24.02 36.80
N GLU B 88 11.62 24.86 37.51
CA GLU B 88 12.08 26.13 36.97
C GLU B 88 13.39 26.03 36.19
N ASN B 89 14.26 25.06 36.50
CA ASN B 89 15.34 24.74 35.58
C ASN B 89 14.77 24.28 34.24
N CYS B 90 13.78 23.38 34.29
CA CYS B 90 13.09 22.94 33.09
C CYS B 90 12.37 24.09 32.40
N ALA B 91 11.94 25.09 33.18
CA ALA B 91 11.48 26.34 32.57
C ALA B 91 12.62 27.00 31.81
N MET B 92 13.82 27.04 32.41
CA MET B 92 14.96 27.60 31.70
C MET B 92 15.31 26.78 30.47
N LYS B 93 15.00 25.47 30.52
CA LYS B 93 15.32 24.57 29.43
C LYS B 93 14.32 24.68 28.28
N GLY B 94 13.67 25.84 28.16
CA GLY B 94 12.76 26.08 27.05
C GLY B 94 11.50 25.24 27.08
N LYS B 95 11.57 24.06 27.69
CA LYS B 95 10.46 23.14 27.70
C LYS B 95 9.23 23.77 28.35
N HIS B 96 8.06 23.45 27.82
CA HIS B 96 6.83 23.99 28.35
C HIS B 96 6.55 23.39 29.73
N LYS B 97 5.77 24.14 30.52
CA LYS B 97 5.44 23.69 31.87
C LYS B 97 4.72 22.35 31.85
N ASP B 98 3.87 22.13 30.85
CA ASP B 98 3.18 20.85 30.74
C ASP B 98 4.16 19.70 30.52
N GLU B 99 5.25 19.97 29.81
CA GLU B 99 6.27 18.95 29.60
C GLU B 99 7.13 18.72 30.83
N CYS B 100 7.18 19.69 31.73
CA CYS B 100 8.05 19.61 32.92
C CYS B 100 7.27 18.95 34.06
N HIS B 101 7.15 17.63 33.96
CA HIS B 101 6.52 16.83 35.01
C HIS B 101 7.22 15.49 35.09
N ASN B 102 7.09 14.83 36.24
CA ASN B 102 7.76 13.56 36.49
C ASN B 102 6.90 12.44 35.94
N PHE B 103 7.07 12.14 34.66
CA PHE B 103 6.33 11.07 34.01
C PHE B 103 7.01 9.74 34.32
N ILE B 104 6.33 8.89 35.08
CA ILE B 104 6.87 7.57 35.41
C ILE B 104 6.96 6.75 34.13
N LYS B 105 8.19 6.49 33.67
CA LYS B 105 8.39 5.73 32.44
C LYS B 105 8.90 4.32 32.66
N VAL B 106 9.39 3.99 33.85
CA VAL B 106 9.89 2.65 34.14
C VAL B 106 9.31 2.19 35.47
N PHE B 107 8.78 0.96 35.48
CA PHE B 107 8.23 0.36 36.70
C PHE B 107 8.40 -1.15 36.55
N VAL B 108 9.51 -1.66 37.06
CA VAL B 108 9.80 -3.09 36.92
C VAL B 108 10.19 -3.69 38.26
N PRO B 109 9.55 -4.79 38.68
CA PRO B 109 9.94 -5.42 39.95
C PRO B 109 11.26 -6.17 39.81
N ARG B 110 12.16 -5.96 40.77
CA ARG B 110 13.41 -6.72 40.79
C ARG B 110 13.19 -8.10 41.41
N ASN B 111 12.49 -8.15 42.54
CA ASN B 111 12.09 -9.41 43.16
C ASN B 111 10.66 -9.26 43.65
N ASP B 112 10.23 -10.19 44.49
CA ASP B 112 8.84 -10.19 44.98
C ASP B 112 8.69 -9.37 46.26
N GLU B 113 9.20 -8.15 46.25
CA GLU B 113 9.09 -7.31 47.44
C GLU B 113 9.25 -5.83 47.13
N MET B 114 10.13 -5.49 46.19
CA MET B 114 10.40 -4.10 45.87
C MET B 114 10.52 -3.93 44.36
N VAL B 115 10.44 -2.69 43.91
CA VAL B 115 10.28 -2.36 42.50
C VAL B 115 11.17 -1.18 42.14
N PHE B 116 11.82 -1.28 40.97
CA PHE B 116 12.60 -0.19 40.39
C PHE B 116 11.65 0.75 39.64
N VAL B 117 11.74 2.05 39.93
CA VAL B 117 10.82 3.03 39.35
C VAL B 117 11.64 4.21 38.84
N CYS B 118 11.49 4.52 37.56
CA CYS B 118 12.22 5.63 36.94
C CYS B 118 11.26 6.61 36.30
N GLY B 119 11.52 7.90 36.52
CA GLY B 119 10.68 8.94 36.00
C GLY B 119 11.50 10.00 35.27
N THR B 120 10.80 10.73 34.40
CA THR B 120 11.45 11.74 33.57
C THR B 120 11.98 12.90 34.40
N ASN B 121 11.22 13.33 35.40
CA ASN B 121 11.58 14.46 36.26
C ASN B 121 11.98 15.67 35.40
N ALA B 122 10.99 16.16 34.64
CA ALA B 122 11.12 17.39 33.86
C ALA B 122 12.42 17.43 33.08
N PHE B 123 12.68 16.33 32.36
CA PHE B 123 13.91 16.17 31.57
C PHE B 123 15.13 16.14 32.46
N ASN B 124 15.01 15.45 33.60
CA ASN B 124 16.13 15.15 34.48
C ASN B 124 15.89 13.75 35.03
N PRO B 125 15.95 12.73 34.17
CA PRO B 125 15.43 11.41 34.54
C PRO B 125 16.19 10.82 35.72
N MET B 126 15.42 10.25 36.65
CA MET B 126 16.01 9.65 37.84
C MET B 126 15.26 8.39 38.22
N CYS B 127 15.93 7.52 38.97
CA CYS B 127 15.38 6.24 39.36
C CYS B 127 15.45 6.07 40.88
N ARG B 128 14.57 5.23 41.39
CA ARG B 128 14.45 4.95 42.81
C ARG B 128 13.98 3.51 42.99
N TYR B 129 13.97 3.08 44.25
CA TYR B 129 13.40 1.80 44.66
C TYR B 129 12.24 2.06 45.60
N TYR B 130 11.08 1.47 45.29
CA TYR B 130 9.93 1.51 46.17
C TYR B 130 9.58 0.09 46.59
N ARG B 131 8.63 -0.03 47.52
CA ARG B 131 8.15 -1.34 47.95
C ARG B 131 6.72 -1.54 47.45
N LEU B 132 6.45 -2.72 46.90
CA LEU B 132 5.11 -3.01 46.40
C LEU B 132 4.07 -3.00 47.51
N SER B 133 4.46 -3.42 48.71
CA SER B 133 3.50 -3.57 49.80
C SER B 133 2.98 -2.21 50.27
N THR B 134 3.83 -1.19 50.29
CA THR B 134 3.49 0.10 50.87
C THR B 134 3.63 1.27 49.90
N LEU B 135 4.27 1.08 48.75
CA LEU B 135 4.58 2.18 47.82
C LEU B 135 5.36 3.28 48.51
N GLU B 136 6.20 2.91 49.47
CA GLU B 136 6.99 3.86 50.24
C GLU B 136 8.41 3.93 49.68
N TYR B 137 8.96 5.14 49.64
CA TYR B 137 10.32 5.38 49.20
C TYR B 137 11.31 4.70 50.13
N ASP B 138 11.50 3.39 49.95
CA ASP B 138 12.37 2.58 50.81
C ASP B 138 13.73 2.37 50.17
N GLY B 139 14.34 3.45 49.72
CA GLY B 139 15.65 3.36 49.10
C GLY B 139 16.27 4.73 48.93
N GLU B 140 17.26 4.79 48.05
CA GLU B 140 17.94 6.04 47.73
C GLU B 140 18.03 6.19 46.22
N GLU B 141 18.11 7.44 45.76
CA GLU B 141 17.92 7.74 44.35
C GLU B 141 19.05 7.19 43.49
N ILE B 142 18.76 7.05 42.19
CA ILE B 142 19.72 6.65 41.18
C ILE B 142 19.51 7.55 39.96
N SER B 143 20.60 7.88 39.28
CA SER B 143 20.49 8.68 38.07
C SER B 143 19.84 7.87 36.96
N GLY B 144 18.88 8.49 36.27
CA GLY B 144 18.13 7.83 35.22
C GLY B 144 18.70 7.96 33.82
N LEU B 145 19.90 8.53 33.69
CA LEU B 145 20.52 8.64 32.37
C LEU B 145 20.79 7.24 31.79
N ALA B 146 20.54 7.10 30.49
CA ALA B 146 20.60 5.83 29.78
C ALA B 146 19.67 4.77 30.34
N ARG B 147 18.81 5.15 31.29
CA ARG B 147 17.84 4.25 31.90
C ARG B 147 16.42 4.76 31.76
N CYS B 148 16.20 6.06 31.89
CA CYS B 148 14.89 6.68 31.76
C CYS B 148 14.99 7.85 30.79
N PRO B 149 14.01 8.01 29.90
CA PRO B 149 14.09 9.09 28.91
C PRO B 149 13.96 10.46 29.56
N PHE B 150 14.40 11.47 28.81
CA PHE B 150 14.17 12.85 29.21
C PHE B 150 12.77 13.31 28.84
N ASP B 151 12.27 12.86 27.68
CA ASP B 151 10.97 13.25 27.18
C ASP B 151 9.96 12.13 27.44
N ALA B 152 8.71 12.54 27.64
CA ALA B 152 7.66 11.56 27.92
C ALA B 152 7.05 10.98 26.65
N ARG B 153 7.07 11.76 25.56
CA ARG B 153 6.48 11.32 24.29
C ARG B 153 7.22 10.17 23.65
N GLN B 154 8.41 9.83 24.13
CA GLN B 154 9.22 8.77 23.56
C GLN B 154 8.93 7.44 24.23
N THR B 155 9.34 6.36 23.56
CA THR B 155 9.24 5.02 24.10
C THR B 155 10.55 4.62 24.74
N ASN B 156 10.49 3.55 25.54
CA ASN B 156 11.68 3.03 26.22
C ASN B 156 11.39 1.61 26.68
N VAL B 157 12.44 0.93 27.11
CA VAL B 157 12.37 -0.45 27.58
C VAL B 157 13.19 -0.59 28.85
N ALA B 158 12.73 -1.48 29.73
CA ALA B 158 13.47 -1.80 30.95
C ALA B 158 13.12 -3.22 31.38
N LEU B 159 14.13 -3.96 31.84
CA LEU B 159 13.94 -5.36 32.19
C LEU B 159 15.08 -5.82 33.08
N PHE B 160 14.77 -6.70 34.01
CA PHE B 160 15.75 -7.29 34.92
C PHE B 160 16.00 -8.74 34.50
N ALA B 161 17.27 -9.06 34.23
CA ALA B 161 17.67 -10.42 33.89
C ALA B 161 19.02 -10.70 34.53
N ASP B 162 19.06 -11.72 35.39
CA ASP B 162 20.29 -12.15 36.06
C ASP B 162 20.96 -10.99 36.78
N GLY B 163 20.23 -10.43 37.74
CA GLY B 163 20.79 -9.42 38.61
C GLY B 163 20.85 -8.01 38.04
N LYS B 164 21.10 -7.89 36.75
CA LYS B 164 21.33 -6.60 36.13
C LYS B 164 20.09 -6.11 35.38
N LEU B 165 20.01 -4.79 35.23
CA LEU B 165 18.94 -4.13 34.50
C LEU B 165 19.42 -3.72 33.13
N TYR B 166 18.63 -4.05 32.11
CA TYR B 166 18.94 -3.77 30.71
C TYR B 166 17.96 -2.70 30.22
N SER B 167 18.44 -1.47 30.07
CA SER B 167 17.62 -0.38 29.59
C SER B 167 17.88 -0.13 28.10
N ALA B 168 16.99 0.64 27.49
CA ALA B 168 17.14 1.00 26.08
C ALA B 168 16.33 2.27 25.86
N THR B 169 17.02 3.40 25.64
CA THR B 169 16.32 4.67 25.55
C THR B 169 17.25 5.70 24.92
N VAL B 170 17.06 6.98 25.27
CA VAL B 170 17.99 8.04 24.90
C VAL B 170 18.64 8.55 26.18
N ALA B 171 19.80 9.19 26.03
CA ALA B 171 20.60 9.60 27.17
C ALA B 171 20.82 11.09 27.29
N ASP B 172 20.58 11.87 26.23
CA ASP B 172 20.86 13.29 26.24
C ASP B 172 19.57 14.09 26.23
N PHE B 173 19.68 15.34 26.70
CA PHE B 173 18.53 16.23 26.71
C PHE B 173 18.10 16.62 25.31
N LEU B 174 19.02 16.63 24.36
CA LEU B 174 18.71 16.99 22.98
C LEU B 174 18.17 15.83 22.16
N ALA B 175 18.05 14.64 22.75
CA ALA B 175 17.48 13.46 22.10
C ALA B 175 18.25 13.12 20.82
N SER B 176 19.47 12.68 21.02
CA SER B 176 20.34 12.27 19.91
C SER B 176 21.02 10.94 20.16
N ASP B 177 21.43 10.66 21.39
CA ASP B 177 22.17 9.44 21.70
C ASP B 177 21.18 8.37 22.15
N ALA B 178 20.70 7.57 21.19
CA ALA B 178 19.97 6.36 21.52
C ALA B 178 20.95 5.28 21.92
N VAL B 179 20.56 4.48 22.91
CA VAL B 179 21.51 3.55 23.51
C VAL B 179 20.76 2.38 24.13
N ILE B 180 21.28 1.18 23.91
CA ILE B 180 20.98 0.01 24.73
C ILE B 180 22.07 -0.09 25.78
N TYR B 181 21.68 -0.28 27.04
CA TYR B 181 22.55 -0.06 28.17
C TYR B 181 22.27 -1.12 29.24
N ARG B 182 23.28 -1.37 30.08
CA ARG B 182 23.11 -2.29 31.20
C ARG B 182 23.76 -1.71 32.44
N SER B 183 23.10 -1.88 33.59
CA SER B 183 23.70 -1.52 34.86
C SER B 183 23.09 -2.38 35.96
N MET B 184 23.20 -1.91 37.20
CA MET B 184 22.65 -2.60 38.37
C MET B 184 23.21 -4.02 38.50
N GLY B 185 24.54 -4.12 38.41
CA GLY B 185 25.17 -5.41 38.48
C GLY B 185 26.60 -5.32 38.94
N ASP B 186 27.32 -6.45 38.81
CA ASP B 186 28.70 -6.52 39.25
C ASP B 186 29.69 -6.02 38.22
N GLY B 187 29.30 -6.00 36.94
CA GLY B 187 30.17 -5.53 35.89
C GLY B 187 30.22 -4.02 35.83
N SER B 188 30.68 -3.53 34.68
CA SER B 188 30.77 -2.10 34.42
C SER B 188 29.50 -1.64 33.69
N ALA B 189 29.58 -0.48 33.05
CA ALA B 189 28.45 0.11 32.34
C ALA B 189 28.66 -0.06 30.85
N LEU B 190 28.04 -1.08 30.28
CA LEU B 190 28.12 -1.35 28.86
C LEU B 190 27.05 -0.55 28.11
N ARG B 191 27.33 -0.27 26.84
CA ARG B 191 26.40 0.48 26.01
C ARG B 191 26.76 0.28 24.54
N THR B 192 25.87 0.74 23.67
CA THR B 192 26.12 0.70 22.24
C THR B 192 26.94 1.91 21.80
N ILE B 193 27.61 1.76 20.66
CA ILE B 193 28.47 2.82 20.15
C ILE B 193 27.61 4.01 19.76
N LYS B 194 27.86 5.15 20.42
CA LYS B 194 27.09 6.35 20.14
C LYS B 194 27.31 6.81 18.71
N TYR B 195 26.23 7.26 18.07
CA TYR B 195 26.23 7.83 16.73
C TYR B 195 26.64 6.83 15.65
N ASP B 196 26.75 5.55 15.99
CA ASP B 196 27.13 4.53 15.02
C ASP B 196 25.89 4.16 14.21
N SER B 197 25.71 4.87 13.08
CA SER B 197 24.53 4.66 12.25
C SER B 197 24.42 3.24 11.73
N LYS B 198 25.54 2.51 11.62
CA LYS B 198 25.49 1.12 11.22
C LYS B 198 25.08 0.21 12.36
N TRP B 199 25.13 0.69 13.60
CA TRP B 199 24.65 -0.09 14.74
C TRP B 199 23.18 0.20 15.06
N ILE B 200 22.84 1.48 15.16
CA ILE B 200 21.48 1.90 15.50
C ILE B 200 21.24 3.28 14.87
N LYS B 201 20.12 3.42 14.17
CA LYS B 201 19.81 4.66 13.45
C LYS B 201 18.35 5.02 13.69
N GLU B 202 18.13 6.11 14.45
CA GLU B 202 16.83 6.69 14.75
C GLU B 202 15.79 5.61 15.08
N PRO B 203 15.93 4.91 16.20
CA PRO B 203 15.00 3.81 16.51
C PRO B 203 13.89 4.22 17.46
N HIS B 204 12.88 3.36 17.58
CA HIS B 204 11.84 3.48 18.59
C HIS B 204 11.74 2.11 19.27
N PHE B 205 12.36 1.99 20.43
CA PHE B 205 12.37 0.72 21.15
C PHE B 205 10.96 0.38 21.63
N LEU B 206 10.62 -0.90 21.58
CA LEU B 206 9.27 -1.31 21.91
C LEU B 206 9.22 -2.43 22.93
N HIS B 207 10.18 -3.35 22.90
CA HIS B 207 10.09 -4.48 23.83
C HIS B 207 11.45 -5.13 24.02
N ALA B 208 11.53 -5.99 25.03
CA ALA B 208 12.70 -6.82 25.28
C ALA B 208 12.26 -8.09 26.00
N ILE B 209 13.01 -9.17 25.79
CA ILE B 209 12.66 -10.49 26.29
C ILE B 209 13.94 -11.27 26.56
N GLU B 210 14.04 -11.84 27.76
CA GLU B 210 15.15 -12.74 28.08
C GLU B 210 14.82 -14.14 27.57
N TYR B 211 15.69 -14.68 26.73
CA TYR B 211 15.50 -16.04 26.23
C TYR B 211 16.87 -16.69 26.05
N GLY B 212 16.98 -17.94 26.51
CA GLY B 212 18.25 -18.65 26.41
C GLY B 212 19.34 -17.90 27.14
N ASN B 213 20.47 -17.71 26.45
CA ASN B 213 21.59 -16.96 26.99
C ASN B 213 21.58 -15.50 26.56
N TYR B 214 20.47 -15.03 25.97
CA TYR B 214 20.44 -13.72 25.34
C TYR B 214 19.28 -12.90 25.87
N VAL B 215 19.42 -11.60 25.69
CA VAL B 215 18.31 -10.64 25.82
C VAL B 215 18.03 -10.09 24.43
N TYR B 216 16.83 -10.35 23.93
CA TYR B 216 16.40 -9.91 22.61
C TYR B 216 15.62 -8.62 22.74
N PHE B 217 15.96 -7.65 21.90
CA PHE B 217 15.25 -6.39 21.81
C PHE B 217 14.38 -6.37 20.56
N PHE B 218 13.26 -5.66 20.62
CA PHE B 218 12.35 -5.52 19.50
C PHE B 218 12.05 -4.04 19.31
N PHE B 219 12.36 -3.52 18.12
CA PHE B 219 12.20 -2.11 17.83
C PHE B 219 12.04 -1.92 16.32
N ARG B 220 12.05 -0.67 15.89
CA ARG B 220 12.05 -0.33 14.47
C ARG B 220 13.04 0.80 14.25
N GLU B 221 13.54 0.90 13.02
CA GLU B 221 14.56 1.91 12.72
C GLU B 221 14.65 2.11 11.22
N ILE B 222 15.22 3.26 10.83
CA ILE B 222 15.46 3.53 9.42
C ILE B 222 16.40 2.46 8.87
N ALA B 223 16.05 1.93 7.70
CA ALA B 223 16.78 0.80 7.15
C ALA B 223 18.08 1.26 6.49
N VAL B 224 19.14 0.48 6.70
CA VAL B 224 20.41 0.75 6.03
C VAL B 224 20.42 0.16 4.62
N GLU B 225 19.54 -0.79 4.34
CA GLU B 225 19.48 -1.40 3.02
C GLU B 225 18.74 -0.53 2.01
N HIS B 226 17.96 0.45 2.48
CA HIS B 226 17.31 1.41 1.61
C HIS B 226 18.05 2.75 1.60
N ASN B 227 19.37 2.71 1.70
CA ASN B 227 20.17 3.90 1.51
C ASN B 227 19.94 4.49 0.12
N ASN B 228 19.83 3.64 -0.90
CA ASN B 228 19.61 4.12 -2.25
C ASN B 228 18.17 4.59 -2.45
N LEU B 229 17.20 3.85 -1.90
CA LEU B 229 15.80 4.25 -2.01
C LEU B 229 15.46 5.31 -0.95
N GLY B 230 14.19 5.37 -0.57
CA GLY B 230 13.75 6.34 0.41
C GLY B 230 14.03 5.91 1.83
N LYS B 231 13.79 6.83 2.76
CA LYS B 231 14.00 6.57 4.17
C LYS B 231 13.00 5.56 4.71
N ALA B 232 13.13 4.31 4.28
CA ALA B 232 12.23 3.26 4.73
C ALA B 232 12.47 2.94 6.21
N VAL B 233 11.55 2.18 6.79
CA VAL B 233 11.63 1.79 8.19
C VAL B 233 11.52 0.27 8.25
N TYR B 234 12.55 -0.37 8.81
CA TYR B 234 12.57 -1.81 9.02
C TYR B 234 12.38 -2.14 10.49
N SER B 235 11.69 -3.26 10.73
CA SER B 235 11.46 -3.77 12.07
C SER B 235 12.58 -4.72 12.45
N ARG B 236 13.26 -4.43 13.56
CA ARG B 236 14.45 -5.17 13.97
C ARG B 236 14.19 -5.96 15.25
N VAL B 237 14.69 -7.19 15.26
CA VAL B 237 14.86 -7.97 16.47
C VAL B 237 16.36 -8.13 16.69
N ALA B 238 16.86 -7.46 17.72
CA ALA B 238 18.27 -7.54 18.08
C ALA B 238 18.46 -8.48 19.25
N ARG B 239 19.72 -8.76 19.58
CA ARG B 239 20.02 -9.64 20.68
C ARG B 239 21.42 -9.34 21.19
N ILE B 240 21.58 -9.46 22.52
CA ILE B 240 22.86 -9.31 23.18
C ILE B 240 23.03 -10.47 24.16
N CYS B 241 24.28 -10.77 24.49
CA CYS B 241 24.58 -11.81 25.46
C CYS B 241 24.45 -11.27 26.88
N LYS B 242 24.01 -12.13 27.80
CA LYS B 242 23.89 -11.72 29.19
C LYS B 242 25.26 -11.68 29.88
N ASN B 243 26.12 -12.65 29.61
CA ASN B 243 27.45 -12.69 30.21
C ASN B 243 28.45 -11.79 29.50
N ASP B 244 27.98 -10.78 28.78
CA ASP B 244 28.89 -9.83 28.14
C ASP B 244 29.51 -8.91 29.18
N MET B 245 30.80 -8.64 29.03
CA MET B 245 31.51 -7.73 29.92
C MET B 245 32.33 -6.68 29.18
N GLY B 246 32.43 -6.74 27.87
CA GLY B 246 33.17 -5.78 27.08
C GLY B 246 34.30 -6.42 26.31
N GLY B 247 34.97 -5.59 25.52
CA GLY B 247 36.11 -6.02 24.73
C GLY B 247 37.43 -5.66 25.40
N SER B 248 38.52 -6.00 24.69
CA SER B 248 39.85 -5.74 25.19
C SER B 248 40.14 -4.24 25.15
N GLN B 249 41.34 -3.87 25.60
CA GLN B 249 41.74 -2.47 25.61
C GLN B 249 41.83 -1.90 24.21
N ARG B 250 42.07 -2.76 23.21
CA ARG B 250 42.32 -2.28 21.86
C ARG B 250 41.02 -1.91 21.14
N VAL B 251 40.05 -2.82 21.11
CA VAL B 251 38.83 -2.63 20.35
C VAL B 251 37.64 -2.81 21.28
N LEU B 252 36.63 -1.95 21.12
CA LEU B 252 35.36 -2.02 21.85
C LEU B 252 35.59 -2.07 23.36
N GLU B 253 36.13 -0.97 23.88
CA GLU B 253 36.29 -0.82 25.32
C GLU B 253 34.96 -0.37 25.92
N LYS B 254 34.40 -1.18 26.82
CA LYS B 254 33.11 -0.90 27.44
C LYS B 254 31.99 -0.88 26.41
N HIS B 255 31.94 -1.92 25.57
CA HIS B 255 30.91 -2.01 24.54
C HIS B 255 30.52 -3.46 24.36
N TRP B 256 29.41 -3.66 23.64
CA TRP B 256 28.85 -4.99 23.45
C TRP B 256 29.65 -5.77 22.42
N THR B 257 29.97 -7.02 22.74
CA THR B 257 30.68 -7.91 21.83
C THR B 257 29.77 -8.99 21.24
N SER B 258 28.45 -8.74 21.23
CA SER B 258 27.53 -9.73 20.70
C SER B 258 26.27 -9.12 20.09
N PHE B 259 26.24 -7.81 19.84
CA PHE B 259 25.06 -7.12 19.34
C PHE B 259 24.73 -7.60 17.94
N LEU B 260 23.77 -8.51 17.82
CA LEU B 260 23.36 -9.05 16.53
C LEU B 260 21.90 -8.74 16.29
N LYS B 261 21.58 -8.08 15.18
CA LYS B 261 20.21 -7.72 14.87
C LYS B 261 19.79 -8.30 13.52
N ALA B 262 18.54 -8.73 13.45
CA ALA B 262 17.93 -9.23 12.23
C ALA B 262 16.65 -8.45 11.94
N ARG B 263 16.15 -8.61 10.72
CA ARG B 263 14.95 -7.93 10.26
C ARG B 263 13.73 -8.84 10.44
N LEU B 264 12.61 -8.23 10.77
CA LEU B 264 11.35 -8.95 10.94
C LEU B 264 10.54 -8.89 9.64
N ASN B 265 9.99 -10.03 9.25
CA ASN B 265 9.41 -10.25 7.92
C ASN B 265 7.92 -10.52 8.09
N CYS B 266 7.10 -9.49 7.93
CA CYS B 266 5.65 -9.64 7.93
C CYS B 266 5.22 -9.43 6.47
N SER B 267 4.92 -10.54 5.79
CA SER B 267 4.80 -10.55 4.34
C SER B 267 3.54 -11.27 3.90
N VAL B 268 2.81 -10.65 2.99
CA VAL B 268 1.77 -11.31 2.21
C VAL B 268 2.43 -11.85 0.96
N PRO B 269 2.40 -13.17 0.71
CA PRO B 269 3.13 -13.74 -0.43
C PRO B 269 2.51 -13.36 -1.78
N GLY B 270 2.88 -14.11 -2.81
CA GLY B 270 2.48 -13.84 -4.17
C GLY B 270 3.67 -13.46 -5.04
N ASP B 271 3.37 -13.17 -6.30
CA ASP B 271 4.41 -12.73 -7.22
C ASP B 271 5.03 -11.40 -6.83
N SER B 272 4.39 -10.65 -5.94
CA SER B 272 4.92 -9.38 -5.43
C SER B 272 4.56 -9.31 -3.94
N PHE B 273 5.49 -9.76 -3.10
CA PHE B 273 5.28 -9.76 -1.66
C PHE B 273 4.91 -8.36 -1.17
N PHE B 274 3.94 -8.31 -0.26
CA PHE B 274 3.55 -7.04 0.37
C PHE B 274 4.05 -7.07 1.81
N TYR B 275 4.86 -6.07 2.17
CA TYR B 275 5.59 -6.08 3.42
C TYR B 275 5.05 -5.03 4.38
N PHE B 276 4.84 -5.43 5.63
CA PHE B 276 4.60 -4.51 6.74
C PHE B 276 5.87 -4.47 7.59
N ASP B 277 6.52 -3.30 7.62
CA ASP B 277 7.83 -3.20 8.26
C ASP B 277 7.91 -2.11 9.32
N VAL B 278 6.78 -1.55 9.75
CA VAL B 278 6.77 -0.55 10.81
C VAL B 278 6.16 -1.21 12.04
N LEU B 279 7.00 -1.58 13.00
CA LEU B 279 6.53 -2.27 14.20
C LEU B 279 5.84 -1.29 15.12
N GLN B 280 4.66 -1.68 15.62
CA GLN B 280 3.89 -0.84 16.53
C GLN B 280 3.95 -1.33 17.97
N SER B 281 3.77 -2.64 18.18
CA SER B 281 3.82 -3.24 19.50
C SER B 281 4.03 -4.73 19.35
N ILE B 282 4.30 -5.40 20.47
CA ILE B 282 4.59 -6.82 20.45
C ILE B 282 4.35 -7.41 21.84
N THR B 283 4.27 -8.73 21.93
CA THR B 283 3.98 -9.43 23.17
C THR B 283 5.23 -10.16 23.66
N ASP B 284 5.05 -10.97 24.71
CA ASP B 284 6.12 -11.78 25.28
C ASP B 284 6.04 -13.20 24.72
N ILE B 285 6.79 -14.10 25.34
CA ILE B 285 6.83 -15.49 24.91
C ILE B 285 5.50 -16.16 25.25
N ILE B 286 4.80 -16.63 24.22
CA ILE B 286 3.52 -17.32 24.38
C ILE B 286 3.63 -18.68 23.73
N GLN B 287 3.28 -19.73 24.46
CA GLN B 287 3.35 -21.10 23.95
C GLN B 287 2.16 -21.32 23.03
N ILE B 288 2.41 -21.28 21.71
CA ILE B 288 1.38 -21.50 20.70
C ILE B 288 1.63 -22.86 20.07
N ASN B 289 0.62 -23.72 20.11
CA ASN B 289 0.66 -25.04 19.48
C ASN B 289 1.90 -25.85 19.91
N GLY B 290 2.43 -25.55 21.08
CA GLY B 290 3.54 -26.28 21.64
C GLY B 290 4.88 -25.56 21.57
N ILE B 291 5.00 -24.55 20.72
CA ILE B 291 6.30 -23.87 20.58
C ILE B 291 6.21 -22.43 21.04
N PRO B 292 7.27 -21.86 21.60
CA PRO B 292 7.23 -20.47 22.06
C PRO B 292 7.29 -19.51 20.88
N THR B 293 6.25 -18.68 20.75
CA THR B 293 6.18 -17.69 19.69
C THR B 293 6.00 -16.30 20.29
N VAL B 294 6.18 -15.30 19.45
CA VAL B 294 6.00 -13.90 19.78
C VAL B 294 5.16 -13.27 18.69
N ILE B 295 4.10 -12.57 19.08
CA ILE B 295 3.12 -12.03 18.16
C ILE B 295 3.24 -10.51 18.15
N GLY B 296 3.24 -9.92 16.95
CA GLY B 296 3.52 -8.51 16.80
C GLY B 296 2.62 -7.85 15.78
N VAL B 297 2.47 -6.54 15.94
CA VAL B 297 1.64 -5.70 15.10
C VAL B 297 2.55 -4.88 14.21
N PHE B 298 2.36 -5.02 12.90
CA PHE B 298 3.12 -4.26 11.92
C PHE B 298 2.18 -3.40 11.10
N THR B 299 2.71 -2.30 10.58
CA THR B 299 1.97 -1.42 9.69
C THR B 299 2.87 -0.97 8.56
N THR B 300 2.26 -0.41 7.54
CA THR B 300 2.99 0.12 6.40
C THR B 300 3.65 1.43 6.78
N GLN B 301 4.40 2.00 5.85
CA GLN B 301 5.15 3.22 6.11
C GLN B 301 4.18 4.39 6.38
N LEU B 302 4.73 5.46 6.93
CA LEU B 302 3.94 6.65 7.19
C LEU B 302 3.39 7.23 5.90
N ASN B 303 4.27 7.49 4.93
CA ASN B 303 3.87 7.98 3.61
C ASN B 303 3.51 6.79 2.73
N SER B 304 2.39 6.16 3.06
CA SER B 304 1.90 5.01 2.32
C SER B 304 0.40 4.91 2.55
N ILE B 305 -0.22 3.92 1.92
CA ILE B 305 -1.63 3.63 2.16
C ILE B 305 -1.74 2.92 3.50
N PRO B 306 -2.51 3.47 4.45
CA PRO B 306 -2.57 2.86 5.79
C PRO B 306 -3.07 1.43 5.76
N GLY B 307 -2.19 0.50 6.15
CA GLY B 307 -2.56 -0.87 6.33
C GLY B 307 -1.82 -1.46 7.51
N SER B 308 -2.37 -2.53 8.07
CA SER B 308 -1.78 -3.13 9.26
C SER B 308 -2.03 -4.63 9.26
N ALA B 309 -1.17 -5.34 9.99
CA ALA B 309 -1.23 -6.78 10.04
C ALA B 309 -0.66 -7.28 11.36
N VAL B 310 -1.00 -8.53 11.67
CA VAL B 310 -0.58 -9.20 12.89
C VAL B 310 0.15 -10.47 12.46
N CYS B 311 1.45 -10.52 12.76
CA CYS B 311 2.35 -11.60 12.39
C CYS B 311 2.90 -12.28 13.63
N ALA B 312 3.25 -13.57 13.51
CA ALA B 312 3.78 -14.33 14.63
C ALA B 312 5.07 -15.02 14.22
N PHE B 313 6.08 -14.95 15.09
CA PHE B 313 7.39 -15.53 14.82
C PHE B 313 7.78 -16.49 15.94
N GLY B 314 8.31 -17.65 15.56
CA GLY B 314 8.79 -18.62 16.54
C GLY B 314 10.24 -18.38 16.92
N MET B 315 10.54 -18.57 18.21
CA MET B 315 11.89 -18.32 18.70
C MET B 315 12.91 -19.23 18.05
N ASP B 316 12.53 -20.48 17.75
CA ASP B 316 13.43 -21.38 17.05
C ASP B 316 13.88 -20.78 15.72
N ASP B 317 12.96 -20.21 14.96
CA ASP B 317 13.32 -19.62 13.68
C ASP B 317 14.17 -18.36 13.86
N ILE B 318 13.94 -17.60 14.94
CA ILE B 318 14.78 -16.44 15.21
C ILE B 318 16.22 -16.89 15.48
N GLU B 319 16.37 -17.95 16.28
CA GLU B 319 17.71 -18.47 16.55
C GLU B 319 18.36 -19.02 15.28
N LYS B 320 17.57 -19.71 14.44
CA LYS B 320 18.10 -20.21 13.18
C LYS B 320 18.55 -19.06 12.28
N VAL B 321 17.81 -17.95 12.31
CA VAL B 321 18.23 -16.77 11.57
C VAL B 321 19.53 -16.21 12.12
N PHE B 322 19.67 -16.19 13.45
CA PHE B 322 20.88 -15.62 14.03
C PHE B 322 22.09 -16.54 13.90
N LYS B 323 21.88 -17.83 13.65
CA LYS B 323 22.99 -18.73 13.37
C LYS B 323 23.39 -18.74 11.91
N GLY B 324 22.80 -17.86 11.09
CA GLY B 324 23.10 -17.78 9.68
C GLY B 324 24.22 -16.82 9.36
N ARG B 325 24.29 -16.43 8.10
CA ARG B 325 25.37 -15.59 7.59
C ARG B 325 25.04 -14.12 7.76
N PHE B 326 26.08 -13.30 7.71
CA PHE B 326 25.95 -11.86 7.93
C PHE B 326 25.68 -11.14 6.60
N LYS B 327 25.45 -9.84 6.69
CA LYS B 327 25.10 -9.02 5.54
C LYS B 327 26.12 -7.90 5.37
N GLU B 328 26.57 -7.69 4.13
CA GLU B 328 27.60 -6.70 3.85
C GLU B 328 27.24 -5.93 2.57
N GLN B 329 27.79 -4.73 2.46
CA GLN B 329 27.68 -3.91 1.27
C GLN B 329 29.09 -3.78 0.69
N LYS B 330 29.37 -4.56 -0.36
CA LYS B 330 30.72 -4.62 -0.90
C LYS B 330 31.12 -3.29 -1.52
N THR B 331 30.25 -2.71 -2.35
CA THR B 331 30.52 -1.46 -3.04
C THR B 331 29.43 -0.46 -2.69
N PRO B 332 29.76 0.84 -2.58
CA PRO B 332 28.73 1.85 -2.28
C PRO B 332 27.46 1.72 -3.09
N ASP B 333 27.56 1.52 -4.40
CA ASP B 333 26.40 1.32 -5.26
C ASP B 333 26.30 -0.15 -5.65
N SER B 334 25.91 -0.97 -4.68
CA SER B 334 25.66 -2.38 -4.91
C SER B 334 24.65 -2.87 -3.88
N VAL B 335 24.15 -4.08 -4.09
CA VAL B 335 23.14 -4.64 -3.21
C VAL B 335 23.81 -5.31 -2.01
N TRP B 336 23.16 -5.22 -0.85
CA TRP B 336 23.65 -5.90 0.34
C TRP B 336 23.57 -7.41 0.13
N THR B 337 24.70 -8.09 0.23
CA THR B 337 24.78 -9.52 0.01
C THR B 337 25.49 -10.19 1.18
N ALA B 338 25.46 -11.52 1.18
CA ALA B 338 25.96 -12.29 2.30
C ALA B 338 27.48 -12.40 2.27
N VAL B 339 28.05 -12.70 3.43
CA VAL B 339 29.48 -12.90 3.57
C VAL B 339 29.76 -14.40 3.44
N PRO B 340 30.80 -14.80 2.72
CA PRO B 340 31.11 -16.24 2.61
C PRO B 340 31.40 -16.86 3.97
N GLU B 341 31.02 -18.13 4.11
CA GLU B 341 31.19 -18.84 5.37
C GLU B 341 32.66 -19.13 5.67
N ASP B 342 33.55 -18.99 4.70
CA ASP B 342 34.97 -19.12 4.96
C ASP B 342 35.58 -17.83 5.52
N LYS B 343 34.92 -16.70 5.33
CA LYS B 343 35.43 -15.42 5.80
C LYS B 343 34.89 -15.02 7.15
N VAL B 344 34.06 -15.85 7.79
CA VAL B 344 33.55 -15.52 9.12
C VAL B 344 34.62 -15.92 10.13
N PRO B 345 35.07 -15.00 10.98
CA PRO B 345 36.18 -15.31 11.88
C PRO B 345 35.75 -16.16 13.06
N LYS B 346 36.70 -16.95 13.55
CA LYS B 346 36.60 -17.78 14.73
C LYS B 346 37.08 -17.00 15.96
N PRO B 347 36.37 -17.08 17.10
CA PRO B 347 35.15 -17.89 17.25
C PRO B 347 33.93 -17.22 16.64
N ARG B 348 32.85 -17.99 16.49
CA ARG B 348 31.59 -17.53 15.92
C ARG B 348 31.13 -16.24 16.59
N PRO B 349 31.15 -15.12 15.86
CA PRO B 349 30.71 -13.85 16.46
C PRO B 349 29.26 -13.92 16.90
N GLY B 350 28.96 -13.24 18.01
CA GLY B 350 27.65 -13.22 18.58
C GLY B 350 27.37 -14.33 19.57
N CYS B 351 28.08 -15.47 19.45
CA CYS B 351 27.95 -16.53 20.43
C CYS B 351 28.46 -16.04 21.78
N CYS B 352 27.75 -16.43 22.84
CA CYS B 352 28.13 -16.03 24.18
C CYS B 352 29.28 -16.88 24.69
N ALA B 353 30.18 -16.25 25.44
CA ALA B 353 31.31 -16.97 26.01
C ALA B 353 30.83 -18.10 26.89
N LYS B 354 31.71 -19.09 27.09
CA LYS B 354 31.45 -20.28 27.90
C LYS B 354 30.33 -21.15 27.32
N HIS B 355 29.98 -20.95 26.04
CA HIS B 355 28.84 -21.66 25.48
C HIS B 355 29.08 -21.96 24.00
N GLY B 356 28.71 -23.19 23.60
CA GLY B 356 28.65 -23.56 22.20
C GLY B 356 29.96 -23.51 21.43
N LEU B 357 30.22 -22.38 20.79
CA LEU B 357 31.43 -22.19 20.00
C LEU B 357 32.42 -21.26 20.70
N ALA B 358 32.16 -20.90 21.96
CA ALA B 358 33.10 -20.14 22.77
C ALA B 358 33.31 -20.83 24.11
N GLU B 359 33.19 -22.16 24.13
CA GLU B 359 33.35 -22.93 25.37
C GLU B 359 34.73 -22.77 25.96
N ALA B 360 35.72 -22.40 25.16
CA ALA B 360 37.08 -22.19 25.65
C ALA B 360 37.30 -20.77 26.18
N TYR B 361 36.66 -19.78 25.57
CA TYR B 361 36.79 -18.40 26.02
C TYR B 361 35.92 -18.18 27.24
N LYS B 362 36.54 -17.80 28.35
CA LYS B 362 35.82 -17.62 29.61
C LYS B 362 35.28 -16.21 29.80
N THR B 363 35.64 -15.27 28.95
CA THR B 363 35.20 -13.88 29.10
C THR B 363 35.39 -13.16 27.78
N SER B 364 34.47 -12.24 27.48
CA SER B 364 34.48 -11.50 26.23
C SER B 364 35.76 -10.70 26.01
N ILE B 365 36.61 -10.54 27.03
CA ILE B 365 37.87 -9.84 26.81
C ILE B 365 38.93 -10.78 26.27
N ASP B 366 38.85 -12.07 26.61
CA ASP B 366 39.74 -13.06 26.01
C ASP B 366 39.56 -13.19 24.51
N PHE B 367 38.47 -12.64 23.96
CA PHE B 367 38.25 -12.68 22.53
C PHE B 367 39.35 -11.91 21.80
N PRO B 368 39.64 -12.29 20.55
CA PRO B 368 40.67 -11.57 19.78
C PRO B 368 40.22 -10.17 19.36
N ASP B 369 40.77 -9.67 18.26
CA ASP B 369 40.40 -8.38 17.74
C ASP B 369 39.79 -8.44 16.34
N ASP B 370 40.17 -9.42 15.53
CA ASP B 370 39.52 -9.58 14.23
C ASP B 370 38.06 -9.99 14.40
N THR B 371 37.78 -10.85 15.37
CA THR B 371 36.39 -11.23 15.65
C THR B 371 35.58 -10.02 16.09
N LEU B 372 36.14 -9.19 16.98
CA LEU B 372 35.42 -8.04 17.47
C LEU B 372 35.26 -6.97 16.39
N SER B 373 36.38 -6.59 15.76
CA SER B 373 36.30 -5.60 14.68
C SER B 373 35.49 -6.10 13.50
N PHE B 374 35.24 -7.41 13.41
CA PHE B 374 34.28 -7.93 12.45
C PHE B 374 32.86 -7.74 12.93
N ILE B 375 32.58 -8.13 14.18
CA ILE B 375 31.26 -7.91 14.75
C ILE B 375 31.00 -6.43 14.97
N LYS B 376 32.04 -5.60 14.97
CA LYS B 376 31.87 -4.15 15.07
C LYS B 376 31.45 -3.52 13.75
N SER B 377 31.74 -4.17 12.63
CA SER B 377 31.37 -3.67 11.32
C SER B 377 30.32 -4.54 10.63
N HIS B 378 29.80 -5.56 11.31
CA HIS B 378 28.72 -6.40 10.78
C HIS B 378 27.75 -6.74 11.90
N PRO B 379 27.01 -5.74 12.40
CA PRO B 379 26.00 -6.04 13.43
C PRO B 379 24.67 -6.51 12.86
N LEU B 380 24.50 -6.48 11.54
CA LEU B 380 23.24 -6.78 10.88
C LEU B 380 23.34 -8.12 10.18
N MET B 381 22.43 -9.04 10.51
CA MET B 381 22.38 -10.33 9.86
C MET B 381 21.91 -10.19 8.41
N ASP B 382 21.99 -11.29 7.68
CA ASP B 382 21.52 -11.32 6.29
C ASP B 382 20.08 -11.79 6.18
N SER B 383 19.75 -12.91 6.81
CA SER B 383 18.43 -13.49 6.68
C SER B 383 17.37 -12.61 7.34
N ALA B 384 16.12 -12.81 6.92
CA ALA B 384 14.97 -12.19 7.55
C ALA B 384 14.15 -13.28 8.23
N VAL B 385 13.61 -12.96 9.40
CA VAL B 385 12.91 -13.94 10.21
C VAL B 385 11.57 -14.28 9.56
N PRO B 386 11.36 -15.51 9.13
CA PRO B 386 10.11 -15.86 8.44
C PRO B 386 8.95 -15.90 9.41
N PRO B 387 7.78 -15.42 8.99
CA PRO B 387 6.59 -15.53 9.84
C PRO B 387 5.97 -16.92 9.72
N ILE B 388 5.31 -17.33 10.80
CA ILE B 388 4.70 -18.66 10.82
C ILE B 388 3.51 -18.68 9.87
N ALA B 389 3.43 -19.76 9.08
CA ALA B 389 2.30 -19.99 8.16
C ALA B 389 2.25 -18.94 7.05
N ASP B 390 3.42 -18.58 6.53
CA ASP B 390 3.56 -17.68 5.39
C ASP B 390 2.82 -16.36 5.58
N GLU B 391 1.55 -16.32 5.19
CA GLU B 391 0.75 -15.12 5.25
C GLU B 391 0.54 -14.69 6.70
N PRO B 392 0.28 -13.41 6.93
CA PRO B 392 0.08 -12.93 8.31
C PRO B 392 -1.13 -13.59 8.95
N TRP B 393 -1.16 -13.52 10.28
CA TRP B 393 -2.30 -14.05 11.02
C TRP B 393 -3.50 -13.13 10.97
N PHE B 394 -3.28 -11.82 10.85
CA PHE B 394 -4.43 -10.93 10.73
C PHE B 394 -4.08 -9.74 9.83
N THR B 395 -5.10 -9.16 9.20
CA THR B 395 -4.91 -8.03 8.29
C THR B 395 -6.07 -7.06 8.41
N LYS B 396 -5.77 -5.77 8.27
CA LYS B 396 -6.78 -4.71 8.29
C LYS B 396 -6.25 -3.58 7.41
N THR B 397 -6.95 -3.31 6.31
CA THR B 397 -6.35 -2.49 5.26
C THR B 397 -7.22 -1.30 4.83
N ARG B 398 -8.54 -1.48 4.78
CA ARG B 398 -9.38 -0.46 4.17
C ARG B 398 -9.69 0.73 5.07
N VAL B 399 -9.33 0.66 6.35
CA VAL B 399 -9.72 1.70 7.30
C VAL B 399 -8.70 2.83 7.27
N ARG B 400 -9.10 3.99 7.80
CA ARG B 400 -8.26 5.16 7.84
C ARG B 400 -7.22 5.12 8.96
N TYR B 401 -7.39 4.24 9.94
CA TYR B 401 -6.57 4.23 11.14
C TYR B 401 -5.63 3.03 11.12
N ARG B 402 -4.60 3.11 11.97
CA ARG B 402 -3.60 2.06 12.12
C ARG B 402 -3.78 1.36 13.46
N LEU B 403 -3.40 0.09 13.50
CA LEU B 403 -3.43 -0.67 14.73
C LEU B 403 -2.25 -0.31 15.61
N THR B 404 -2.38 -0.56 16.92
CA THR B 404 -1.31 -0.27 17.86
C THR B 404 -1.13 -1.41 18.86
N ALA B 405 -1.81 -1.31 20.00
CA ALA B 405 -1.60 -2.25 21.10
C ALA B 405 -1.96 -3.68 20.67
N ILE B 406 -1.54 -4.63 21.49
CA ILE B 406 -1.81 -6.05 21.21
C ILE B 406 -1.79 -6.81 22.52
N GLU B 407 -2.72 -7.75 22.66
CA GLU B 407 -2.78 -8.67 23.78
C GLU B 407 -3.34 -9.99 23.26
N VAL B 408 -3.03 -11.08 23.95
CA VAL B 408 -3.35 -12.42 23.47
C VAL B 408 -3.85 -13.28 24.62
N ASP B 409 -4.94 -14.01 24.38
CA ASP B 409 -5.42 -15.05 25.27
C ASP B 409 -5.19 -16.38 24.56
N ARG B 410 -4.26 -17.16 25.08
CA ARG B 410 -3.80 -18.39 24.45
C ARG B 410 -4.66 -19.60 24.77
N SER B 411 -5.64 -19.47 25.65
CA SER B 411 -6.42 -20.61 26.12
C SER B 411 -7.89 -20.25 26.24
N ALA B 412 -8.45 -19.71 25.16
CA ALA B 412 -9.86 -19.35 25.13
C ALA B 412 -10.73 -20.59 24.89
N GLY B 413 -11.98 -20.49 25.33
CA GLY B 413 -12.92 -21.56 25.13
C GLY B 413 -13.04 -22.46 26.34
N PRO B 414 -14.15 -23.20 26.43
CA PRO B 414 -14.34 -24.10 27.58
C PRO B 414 -13.28 -25.19 27.67
N TYR B 415 -12.60 -25.50 26.57
CA TYR B 415 -11.50 -26.44 26.58
C TYR B 415 -10.14 -25.76 26.50
N GLN B 416 -10.14 -24.42 26.35
CA GLN B 416 -8.92 -23.62 26.42
C GLN B 416 -7.92 -24.02 25.33
N ASN B 417 -8.42 -24.17 24.11
CA ASN B 417 -7.62 -24.56 22.96
C ASN B 417 -7.88 -23.65 21.78
N TYR B 418 -8.06 -22.36 22.04
CA TYR B 418 -8.27 -21.38 20.98
C TYR B 418 -7.55 -20.08 21.36
N THR B 419 -6.94 -19.44 20.36
CA THR B 419 -6.09 -18.27 20.56
C THR B 419 -6.83 -17.03 20.08
N VAL B 420 -7.21 -16.17 21.02
CA VAL B 420 -7.97 -14.96 20.73
C VAL B 420 -7.06 -13.76 20.92
N ILE B 421 -6.95 -12.92 19.89
CA ILE B 421 -6.05 -11.78 19.87
C ILE B 421 -6.88 -10.51 19.95
N PHE B 422 -6.46 -9.59 20.81
CA PHE B 422 -7.09 -8.28 20.94
C PHE B 422 -6.11 -7.24 20.45
N VAL B 423 -6.54 -6.41 19.51
CA VAL B 423 -5.66 -5.43 18.89
C VAL B 423 -6.28 -4.04 19.01
N GLY B 424 -5.46 -3.07 19.39
CA GLY B 424 -5.90 -1.69 19.48
C GLY B 424 -5.97 -1.03 18.12
N SER B 425 -6.12 0.30 18.15
CA SER B 425 -6.21 1.09 16.93
C SER B 425 -5.91 2.53 17.27
N GLU B 426 -5.81 3.35 16.22
CA GLU B 426 -5.59 4.78 16.38
C GLU B 426 -6.87 5.55 16.61
N ALA B 427 -8.01 4.88 16.72
CA ALA B 427 -9.30 5.55 16.85
C ALA B 427 -10.16 4.90 17.93
N GLY B 428 -9.51 4.43 19.00
CA GLY B 428 -10.24 3.87 20.12
C GLY B 428 -11.05 2.63 19.81
N VAL B 429 -10.67 1.89 18.78
CA VAL B 429 -11.37 0.66 18.40
C VAL B 429 -10.50 -0.53 18.79
N VAL B 430 -11.14 -1.58 19.30
CA VAL B 430 -10.45 -2.81 19.67
C VAL B 430 -11.04 -3.96 18.87
N LEU B 431 -10.18 -4.76 18.27
CA LEU B 431 -10.57 -5.88 17.43
C LEU B 431 -10.27 -7.18 18.16
N LYS B 432 -11.28 -8.05 18.26
CA LYS B 432 -11.15 -9.38 18.85
C LYS B 432 -11.17 -10.40 17.72
N VAL B 433 -10.11 -11.20 17.62
CA VAL B 433 -9.89 -12.08 16.48
C VAL B 433 -9.54 -13.47 16.98
N LEU B 434 -10.40 -14.44 16.71
CA LEU B 434 -10.01 -15.84 16.87
C LEU B 434 -9.05 -16.18 15.75
N ALA B 435 -7.78 -16.39 16.08
CA ALA B 435 -6.74 -16.58 15.07
C ALA B 435 -6.62 -18.04 14.68
N LYS B 436 -6.34 -18.27 13.39
CA LYS B 436 -6.01 -19.60 12.89
C LYS B 436 -4.50 -19.78 13.00
N THR B 437 -4.08 -20.66 13.91
CA THR B 437 -2.67 -20.87 14.18
C THR B 437 -2.13 -22.12 13.49
N SER B 438 -2.67 -23.28 13.82
CA SER B 438 -2.22 -24.54 13.24
C SER B 438 -2.97 -24.83 11.95
N PRO B 439 -2.41 -25.70 11.09
CA PRO B 439 -3.16 -26.08 9.88
C PRO B 439 -4.48 -26.78 10.18
N PHE B 440 -4.46 -27.79 11.07
CA PHE B 440 -5.65 -28.57 11.38
C PHE B 440 -6.50 -27.86 12.44
N SER B 441 -6.85 -26.60 12.13
CA SER B 441 -7.65 -25.79 13.02
C SER B 441 -8.83 -25.16 12.26
N LEU B 442 -8.69 -23.89 11.92
CA LEU B 442 -9.71 -23.16 11.20
C LEU B 442 -9.40 -23.17 9.70
N ASN B 443 -10.22 -22.46 8.93
CA ASN B 443 -9.91 -22.17 7.54
C ASN B 443 -9.13 -20.87 7.40
N ASP B 444 -9.49 -19.86 8.19
CA ASP B 444 -8.74 -18.62 8.27
C ASP B 444 -9.13 -17.91 9.56
N SER B 445 -8.48 -16.78 9.82
CA SER B 445 -8.73 -16.04 11.04
C SER B 445 -10.11 -15.38 10.98
N VAL B 446 -10.78 -15.36 12.14
CA VAL B 446 -12.17 -14.89 12.23
C VAL B 446 -12.20 -13.74 13.22
N LEU B 447 -12.40 -12.52 12.71
CA LEU B 447 -12.57 -11.38 13.61
C LEU B 447 -14.00 -11.39 14.10
N LEU B 448 -14.18 -11.73 15.39
CA LEU B 448 -15.51 -11.96 15.93
C LEU B 448 -16.24 -10.65 16.17
N GLU B 449 -15.65 -9.78 16.98
CA GLU B 449 -16.28 -8.54 17.38
C GLU B 449 -15.35 -7.37 17.13
N GLU B 450 -15.96 -6.23 16.80
CA GLU B 450 -15.27 -4.94 16.77
C GLU B 450 -15.86 -4.07 17.85
N ILE B 451 -15.03 -3.70 18.84
CA ILE B 451 -15.50 -2.99 20.03
C ILE B 451 -15.01 -1.56 19.98
N GLU B 452 -15.94 -0.61 19.89
CA GLU B 452 -15.62 0.78 20.16
C GLU B 452 -15.36 0.93 21.66
N ALA B 453 -14.17 1.40 22.01
CA ALA B 453 -13.76 1.47 23.41
C ALA B 453 -13.66 2.89 23.94
N TYR B 454 -13.26 3.85 23.11
CA TYR B 454 -13.07 5.20 23.59
C TYR B 454 -14.38 5.78 24.12
N ASN B 455 -14.35 6.25 25.36
CA ASN B 455 -15.52 6.81 26.02
C ASN B 455 -15.44 8.33 25.95
N PRO B 456 -16.15 8.99 25.03
CA PRO B 456 -16.00 10.44 24.89
C PRO B 456 -16.39 11.21 26.14
N ALA B 457 -17.29 10.67 26.96
CA ALA B 457 -17.72 11.38 28.16
C ALA B 457 -16.63 11.38 29.23
N LYS B 458 -16.05 10.22 29.50
CA LYS B 458 -15.08 10.09 30.59
C LYS B 458 -13.64 10.28 30.12
N CYS B 459 -13.26 9.63 29.02
CA CYS B 459 -11.87 9.59 28.61
C CYS B 459 -11.33 10.95 28.18
N SER B 460 -12.16 11.98 28.12
CA SER B 460 -11.68 13.33 27.83
C SER B 460 -12.67 14.33 28.39
N ALA B 461 -12.13 15.47 28.82
CA ALA B 461 -12.94 16.54 29.38
C ALA B 461 -12.19 17.87 29.32
N GLU B 464 -9.78 19.16 22.90
CA GLU B 464 -8.81 18.09 22.66
C GLU B 464 -9.50 16.74 22.59
N GLU B 465 -9.29 16.03 21.48
CA GLU B 465 -9.89 14.71 21.25
C GLU B 465 -8.87 13.84 20.50
N ASP B 466 -8.09 13.07 21.26
CA ASP B 466 -7.14 12.13 20.69
C ASP B 466 -7.38 10.78 21.35
N ARG B 467 -7.80 9.79 20.56
CA ARG B 467 -8.25 8.52 21.10
C ARG B 467 -7.37 7.36 20.65
N LYS B 468 -6.06 7.48 20.85
CA LYS B 468 -5.12 6.45 20.44
C LYS B 468 -5.00 5.39 21.52
N VAL B 469 -5.30 4.14 21.18
CA VAL B 469 -5.07 3.04 22.09
C VAL B 469 -3.58 2.91 22.34
N VAL B 470 -3.19 2.76 23.60
CA VAL B 470 -1.79 2.71 23.96
C VAL B 470 -1.37 1.28 24.29
N SER B 471 -2.04 0.67 25.27
CA SER B 471 -1.68 -0.68 25.67
C SER B 471 -2.92 -1.40 26.18
N LEU B 472 -2.83 -2.73 26.22
CA LEU B 472 -3.89 -3.58 26.75
C LEU B 472 -3.29 -4.56 27.75
N GLN B 473 -4.14 -5.06 28.64
CA GLN B 473 -3.73 -6.05 29.63
C GLN B 473 -4.86 -7.05 29.83
N LEU B 474 -4.51 -8.33 29.80
CA LEU B 474 -5.49 -9.41 29.87
C LEU B 474 -5.72 -9.80 31.33
N ASP B 475 -6.92 -9.56 31.83
CA ASP B 475 -7.33 -10.02 33.14
C ASP B 475 -8.13 -11.33 32.99
N ARG B 476 -7.41 -12.36 32.53
CA ARG B 476 -8.06 -13.63 32.24
C ARG B 476 -8.71 -14.24 33.47
N ASP B 477 -8.16 -13.98 34.65
CA ASP B 477 -8.76 -14.49 35.88
C ASP B 477 -10.05 -13.78 36.25
N HIS B 478 -10.36 -12.65 35.61
CA HIS B 478 -11.61 -11.94 35.86
C HIS B 478 -12.34 -11.60 34.57
N HIS B 479 -11.95 -12.18 33.44
CA HIS B 479 -12.66 -12.05 32.17
C HIS B 479 -12.82 -10.58 31.78
N ALA B 480 -11.71 -9.84 31.81
CA ALA B 480 -11.73 -8.43 31.51
C ALA B 480 -10.54 -8.09 30.61
N LEU B 481 -10.48 -6.84 30.17
CA LEU B 481 -9.37 -6.35 29.36
C LEU B 481 -9.32 -4.84 29.52
N TYR B 482 -8.26 -4.34 30.14
CA TYR B 482 -8.17 -2.92 30.47
C TYR B 482 -7.54 -2.17 29.30
N VAL B 483 -8.39 -1.61 28.45
CA VAL B 483 -7.92 -0.80 27.33
C VAL B 483 -7.37 0.52 27.87
N ALA B 484 -6.18 0.89 27.42
CA ALA B 484 -5.52 2.08 27.91
C ALA B 484 -5.55 3.19 26.86
N PHE B 485 -5.75 4.42 27.32
CA PHE B 485 -5.66 5.58 26.45
C PHE B 485 -4.74 6.61 27.08
N SER B 486 -4.66 7.80 26.49
CA SER B 486 -3.77 8.82 27.00
C SER B 486 -4.30 9.49 28.26
N SER B 487 -5.50 9.13 28.74
CA SER B 487 -6.08 9.79 29.89
C SER B 487 -7.19 8.96 30.53
N CYS B 488 -7.29 7.68 30.18
CA CYS B 488 -8.31 6.82 30.76
C CYS B 488 -7.95 5.36 30.55
N VAL B 489 -8.51 4.51 31.41
CA VAL B 489 -8.40 3.07 31.30
C VAL B 489 -9.80 2.48 31.45
N VAL B 490 -10.21 1.68 30.47
CA VAL B 490 -11.57 1.18 30.37
C VAL B 490 -11.55 -0.33 30.59
N ARG B 491 -12.26 -0.79 31.61
CA ARG B 491 -12.43 -2.22 31.84
C ARG B 491 -13.42 -2.76 30.82
N ILE B 492 -12.99 -3.75 30.04
CA ILE B 492 -13.75 -4.26 28.92
C ILE B 492 -13.83 -5.79 29.04
N PRO B 493 -15.01 -6.37 29.25
CA PRO B 493 -15.11 -7.83 29.33
C PRO B 493 -14.74 -8.49 28.00
N LEU B 494 -14.41 -9.77 28.09
CA LEU B 494 -13.98 -10.53 26.93
C LEU B 494 -15.14 -11.12 26.13
N SER B 495 -16.37 -11.04 26.64
CA SER B 495 -17.50 -11.62 25.93
C SER B 495 -18.79 -10.95 26.37
N ARG B 496 -19.57 -10.49 25.41
CA ARG B 496 -20.93 -10.03 25.67
C ARG B 496 -21.93 -11.12 25.27
N CYS B 497 -21.79 -12.28 25.89
CA CYS B 497 -22.71 -13.39 25.62
C CYS B 497 -24.15 -13.02 25.95
N GLU B 498 -24.38 -11.93 26.68
CA GLU B 498 -25.73 -11.45 26.93
C GLU B 498 -26.37 -10.86 25.68
N ARG B 499 -25.56 -10.39 24.72
CA ARG B 499 -26.11 -9.85 23.48
C ARG B 499 -26.93 -10.87 22.73
N TYR B 500 -26.68 -12.16 22.95
CA TYR B 500 -27.39 -13.23 22.24
C TYR B 500 -28.43 -13.89 23.14
N GLY B 501 -27.97 -14.56 24.21
CA GLY B 501 -28.86 -15.13 25.20
C GLY B 501 -29.89 -16.10 24.66
N SER B 502 -31.11 -15.61 24.42
CA SER B 502 -32.19 -16.48 23.97
C SER B 502 -31.96 -16.94 22.54
N CYS B 503 -31.40 -16.09 21.69
CA CYS B 503 -31.27 -16.38 20.27
C CYS B 503 -30.08 -17.30 20.05
N LYS B 504 -30.35 -18.61 19.93
CA LYS B 504 -29.32 -19.58 19.63
C LYS B 504 -28.60 -19.24 18.32
N LYS B 505 -29.35 -18.70 17.35
CA LYS B 505 -28.75 -18.30 16.08
C LYS B 505 -27.68 -17.25 16.28
N SER B 506 -27.99 -16.18 17.04
CA SER B 506 -27.00 -15.16 17.31
C SER B 506 -25.82 -15.72 18.07
N CYS B 507 -26.05 -16.75 18.87
CA CYS B 507 -24.98 -17.32 19.69
C CYS B 507 -23.98 -18.07 18.83
N ILE B 508 -24.45 -19.07 18.08
CA ILE B 508 -23.53 -19.83 17.24
C ILE B 508 -23.08 -19.03 16.02
N ALA B 509 -23.76 -17.94 15.70
CA ALA B 509 -23.38 -17.11 14.56
C ALA B 509 -22.21 -16.19 14.88
N SER B 510 -22.09 -15.74 16.14
CA SER B 510 -20.92 -14.97 16.52
C SER B 510 -19.68 -15.85 16.63
N ARG B 511 -19.87 -17.16 16.86
CA ARG B 511 -18.80 -18.15 16.89
C ARG B 511 -17.74 -17.84 17.94
N ASP B 512 -18.11 -17.10 18.98
CA ASP B 512 -17.16 -16.75 20.03
C ASP B 512 -16.92 -17.96 20.92
N PRO B 513 -15.66 -18.36 21.14
CA PRO B 513 -15.41 -19.48 22.07
C PRO B 513 -15.73 -19.14 23.50
N TYR B 514 -15.78 -17.86 23.87
CA TYR B 514 -16.13 -17.46 25.22
C TYR B 514 -17.60 -17.68 25.55
N CYS B 515 -18.44 -17.96 24.56
CA CYS B 515 -19.87 -18.17 24.78
C CYS B 515 -20.27 -19.55 24.33
N GLY B 516 -21.21 -20.14 25.04
CA GLY B 516 -21.70 -21.48 24.73
C GLY B 516 -23.14 -21.63 25.13
N TRP B 517 -23.85 -22.50 24.40
CA TRP B 517 -25.29 -22.68 24.57
C TRP B 517 -25.59 -23.78 25.58
N LEU B 518 -26.63 -23.56 26.37
CA LEU B 518 -27.07 -24.47 27.41
C LEU B 518 -28.49 -24.96 27.12
N SER B 519 -28.86 -26.06 27.77
CA SER B 519 -30.22 -26.59 27.63
C SER B 519 -31.26 -25.72 28.32
N GLN B 520 -30.83 -24.75 29.15
CA GLN B 520 -31.76 -23.87 29.84
C GLN B 520 -32.42 -22.85 28.92
N GLY B 521 -32.09 -22.84 27.63
CA GLY B 521 -32.69 -21.91 26.70
C GLY B 521 -31.96 -20.60 26.52
N VAL B 522 -30.82 -20.41 27.19
CA VAL B 522 -30.02 -19.19 27.07
C VAL B 522 -28.55 -19.59 27.09
N CYS B 523 -27.77 -18.98 26.23
CA CYS B 523 -26.34 -19.26 26.12
C CYS B 523 -25.55 -18.18 26.82
N GLU B 524 -24.44 -18.57 27.46
CA GLU B 524 -23.74 -17.68 28.38
C GLU B 524 -22.24 -17.82 28.22
N ARG B 525 -21.53 -16.94 28.93
CA ARG B 525 -20.11 -17.09 29.17
C ARG B 525 -19.78 -18.51 29.58
N VAL B 526 -18.78 -19.09 28.92
CA VAL B 526 -18.37 -20.46 29.26
C VAL B 526 -17.68 -20.54 30.58
N THR B 527 -17.43 -19.42 31.25
CA THR B 527 -16.83 -19.42 32.57
C THR B 527 -17.89 -19.12 33.62
N LEU B 528 -18.79 -20.08 33.80
CA LEU B 528 -19.86 -19.96 34.78
C LEU B 528 -19.83 -21.04 35.84
N GLY B 529 -18.98 -22.04 35.70
CA GLY B 529 -18.86 -23.08 36.70
C GLY B 529 -19.46 -24.41 36.34
N MET B 530 -19.92 -24.60 35.11
CA MET B 530 -20.53 -25.84 34.67
C MET B 530 -19.55 -26.65 33.85
N LEU B 531 -19.86 -27.94 33.70
CA LEU B 531 -18.98 -28.83 32.95
C LEU B 531 -18.81 -28.33 31.51
N ALA B 532 -17.65 -28.64 30.93
CA ALA B 532 -17.36 -28.19 29.57
C ALA B 532 -18.32 -28.79 28.56
N GLY B 533 -18.69 -30.07 28.75
CA GLY B 533 -19.56 -30.72 27.80
C GLY B 533 -20.98 -30.21 27.82
N GLY B 534 -21.27 -29.26 28.70
CA GLY B 534 -22.60 -28.68 28.81
C GLY B 534 -22.78 -27.46 27.92
N TYR B 535 -21.71 -26.73 27.68
CA TYR B 535 -21.76 -25.57 26.80
C TYR B 535 -21.76 -26.04 25.36
N GLU B 536 -22.80 -25.67 24.61
CA GLU B 536 -22.91 -26.03 23.21
C GLU B 536 -22.49 -24.86 22.34
N GLN B 537 -21.57 -25.12 21.42
CA GLN B 537 -21.09 -24.09 20.49
C GLN B 537 -20.43 -24.77 19.31
N ASP B 538 -20.23 -24.00 18.24
CA ASP B 538 -19.60 -24.49 17.02
C ASP B 538 -18.63 -23.40 16.55
N THR B 539 -17.44 -23.41 17.15
CA THR B 539 -16.41 -22.43 16.82
C THR B 539 -15.60 -22.83 15.59
N GLU B 540 -15.86 -23.99 15.00
CA GLU B 540 -15.11 -24.43 13.84
C GLU B 540 -15.79 -24.08 12.53
N TYR B 541 -17.10 -23.84 12.53
CA TYR B 541 -17.83 -23.55 11.31
C TYR B 541 -18.79 -22.37 11.48
N GLY B 542 -19.73 -22.48 12.42
CA GLY B 542 -20.76 -21.47 12.58
C GLY B 542 -22.07 -21.91 11.95
N ASN B 543 -22.45 -23.16 12.19
CA ASN B 543 -23.56 -23.81 11.50
C ASN B 543 -24.88 -23.29 12.06
N THR B 544 -25.51 -22.36 11.34
CA THR B 544 -26.83 -21.86 11.69
C THR B 544 -27.95 -22.66 11.02
N ALA B 545 -27.67 -23.88 10.59
CA ALA B 545 -28.69 -24.69 9.94
C ALA B 545 -29.71 -25.20 10.96
N HIS B 546 -30.98 -25.24 10.54
CA HIS B 546 -32.08 -25.71 11.38
C HIS B 546 -32.22 -24.86 12.65
N LEU B 547 -31.85 -23.59 12.56
CA LEU B 547 -31.94 -22.65 13.68
C LEU B 547 -32.81 -21.49 13.26
N GLY B 548 -33.87 -21.24 14.04
CA GLY B 548 -34.83 -20.21 13.66
C GLY B 548 -34.31 -18.80 13.90
N ASP B 549 -34.81 -17.86 13.11
CA ASP B 549 -34.42 -16.46 13.20
C ASP B 549 -35.21 -15.80 14.32
N CYS B 550 -34.63 -15.79 15.52
CA CYS B 550 -35.26 -15.15 16.67
C CYS B 550 -35.11 -13.63 16.59
#